data_9ITD
#
_entry.id   9ITD
#
_cell.length_a   65.296
_cell.length_b   200.343
_cell.length_c   239.744
_cell.angle_alpha   90.00
_cell.angle_beta   90.00
_cell.angle_gamma   90.00
#
_symmetry.space_group_name_H-M   'C 2 2 21'
#
loop_
_entity.id
_entity.type
_entity.pdbx_description
1 polymer 'C-1-tetrahydrofolate synthase, cytoplasmic, N-terminally processed'
2 non-polymer 'NADP NICOTINAMIDE-ADENINE-DINUCLEOTIDE PHOSPHATE'
3 non-polymer '(2~{S})-2-[[4-[[2,4-bis(azanyl)-6-oxidanylidene-1~{H}-pyrimidin-5-yl]carbamoylamino]phenyl]carbonylamino]-4-(1~{H}-1,2,3,4-tetrazol-5-yl)butanoic acid'
4 water water
#
_entity_poly.entity_id   1
_entity_poly.type   'polypeptide(L)'
_entity_poly.pdbx_seq_one_letter_code
;APAEILNGKEISAQIRARLKNQVTQLKEQVPGFTPRLAILQVGNRDDSNLYINVKLKAAEEIGIKATHIKLPRTTTESEV
MKYITSLNEDSTVHGFLVQLPLDSENSINTEEVINAIAPEKDVDGLTSINAGRLARGDLNDCFIPCTPKGCLELIKETGV
PIAGRHAVVVGRSKIVGAPMHDLLLWNNATVTTCHSKTAHLDEEVNKGDILVVATGQPEMVKGEWIKPGAIVIDCGINYV
PDDKKPNGRKVVGDVAYDEAKERASFITPVPGGVGPMTVAMLMQSTVESAKRFLEKFKPGLEHHHHHH
;
_entity_poly.pdbx_strand_id   A,B,C,D
#
# COMPACT_ATOMS: atom_id res chain seq x y z
N PRO A 2 33.04 0.24 -2.88
CA PRO A 2 32.64 1.10 -4.00
C PRO A 2 31.68 0.41 -5.00
N ALA A 3 31.31 1.16 -6.03
CA ALA A 3 30.15 0.88 -6.85
C ALA A 3 30.49 0.14 -8.15
N GLU A 4 29.63 -0.81 -8.53
CA GLU A 4 29.66 -1.37 -9.88
C GLU A 4 29.36 -0.30 -10.92
N ILE A 5 30.08 -0.33 -12.04
CA ILE A 5 29.94 0.65 -13.10
C ILE A 5 28.98 0.09 -14.15
N LEU A 6 27.93 0.86 -14.50
CA LEU A 6 26.95 0.41 -15.49
C LEU A 6 27.49 0.79 -16.87
N ASN A 7 27.95 -0.20 -17.63
CA ASN A 7 28.77 0.10 -18.80
C ASN A 7 27.89 0.33 -20.02
N GLY A 8 27.68 1.61 -20.36
CA GLY A 8 26.86 1.95 -21.50
C GLY A 8 27.45 1.46 -22.81
N LYS A 9 28.79 1.48 -22.94
CA LYS A 9 29.45 0.95 -24.13
C LYS A 9 29.06 -0.50 -24.36
N GLU A 10 29.24 -1.35 -23.34
CA GLU A 10 29.04 -2.79 -23.53
C GLU A 10 27.56 -3.13 -23.61
N ILE A 11 26.73 -2.42 -22.85
CA ILE A 11 25.31 -2.74 -22.90
C ILE A 11 24.70 -2.31 -24.22
N SER A 12 25.05 -1.13 -24.72
CA SER A 12 24.48 -0.69 -25.99
C SER A 12 24.90 -1.62 -27.13
N ALA A 13 26.14 -2.13 -27.09
CA ALA A 13 26.61 -3.07 -28.12
C ALA A 13 25.79 -4.37 -28.14
N GLN A 14 25.37 -4.87 -26.97
CA GLN A 14 24.46 -6.02 -26.96
C GLN A 14 23.19 -5.72 -27.73
N ILE A 15 22.56 -4.58 -27.45
CA ILE A 15 21.25 -4.30 -28.05
C ILE A 15 21.38 -4.06 -29.54
N ARG A 16 22.44 -3.37 -29.97
CA ARG A 16 22.58 -3.12 -31.42
C ARG A 16 22.68 -4.42 -32.19
N ALA A 17 23.41 -5.40 -31.66
CA ALA A 17 23.57 -6.66 -32.36
C ALA A 17 22.24 -7.41 -32.46
N ARG A 18 21.46 -7.41 -31.38
CA ARG A 18 20.14 -8.03 -31.44
C ARG A 18 19.25 -7.29 -32.41
N LEU A 19 19.34 -5.96 -32.44
CA LEU A 19 18.63 -5.22 -33.47
C LEU A 19 19.09 -5.66 -34.86
N LYS A 20 20.41 -5.71 -35.07
CA LYS A 20 20.98 -6.12 -36.35
C LYS A 20 20.43 -7.47 -36.81
N ASN A 21 20.51 -8.50 -35.95
CA ASN A 21 20.03 -9.82 -36.33
C ASN A 21 18.51 -9.83 -36.49
N GLN A 22 17.81 -9.01 -35.71
CA GLN A 22 16.39 -8.79 -35.93
C GLN A 22 16.13 -8.24 -37.33
N VAL A 23 16.91 -7.24 -37.76
CA VAL A 23 16.76 -6.71 -39.11
C VAL A 23 17.01 -7.80 -40.15
N THR A 24 18.13 -8.52 -40.01
CA THR A 24 18.52 -9.52 -40.99
C THR A 24 17.41 -10.54 -41.21
N GLN A 25 16.73 -10.90 -40.13
CA GLN A 25 15.69 -11.94 -40.25
C GLN A 25 14.47 -11.32 -40.91
N LEU A 26 14.19 -10.05 -40.61
CA LEU A 26 13.12 -9.38 -41.35
C LEU A 26 13.42 -9.37 -42.85
N LYS A 27 14.65 -8.99 -43.22
CA LYS A 27 15.02 -8.93 -44.63
C LYS A 27 14.96 -10.30 -45.30
N GLU A 28 15.31 -11.39 -44.59
CA GLU A 28 15.09 -12.73 -45.13
C GLU A 28 13.59 -13.06 -45.19
N GLN A 29 12.84 -12.75 -44.13
CA GLN A 29 11.42 -13.09 -44.10
C GLN A 29 10.65 -12.30 -45.15
N VAL A 30 10.89 -10.99 -45.23
CA VAL A 30 10.18 -10.12 -46.17
C VAL A 30 11.22 -9.53 -47.12
N PRO A 31 11.44 -10.13 -48.29
CA PRO A 31 12.58 -9.73 -49.13
C PRO A 31 12.48 -8.28 -49.60
N GLY A 32 13.61 -7.58 -49.56
CA GLY A 32 13.72 -6.19 -49.97
C GLY A 32 13.50 -5.14 -48.87
N PHE A 33 12.59 -5.42 -47.95
CA PHE A 33 12.22 -4.43 -46.94
C PHE A 33 13.38 -4.15 -45.99
N THR A 34 13.48 -2.90 -45.56
CA THR A 34 14.50 -2.44 -44.62
C THR A 34 13.96 -1.24 -43.86
N PRO A 35 14.33 -1.05 -42.60
CA PRO A 35 13.80 0.10 -41.84
C PRO A 35 14.52 1.38 -42.23
N ARG A 36 13.75 2.43 -42.48
CA ARG A 36 14.30 3.72 -42.88
C ARG A 36 13.99 4.75 -41.82
N LEU A 37 15.04 5.45 -41.38
CA LEU A 37 15.01 6.57 -40.45
C LEU A 37 15.40 7.85 -41.19
N ALA A 38 14.81 8.98 -40.77
CA ALA A 38 15.22 10.27 -41.30
C ALA A 38 15.45 11.24 -40.16
N ILE A 39 16.55 11.99 -40.25
CA ILE A 39 16.88 13.03 -39.28
C ILE A 39 16.89 14.37 -40.00
N LEU A 40 16.16 15.34 -39.45
CA LEU A 40 16.10 16.70 -39.97
C LEU A 40 16.85 17.60 -39.00
N GLN A 41 17.67 18.51 -39.54
CA GLN A 41 18.45 19.46 -38.74
C GLN A 41 18.25 20.87 -39.27
N VAL A 42 18.19 21.83 -38.34
CA VAL A 42 18.10 23.26 -38.65
C VAL A 42 19.35 23.93 -38.11
N GLY A 43 20.13 24.52 -39.00
CA GLY A 43 21.37 25.15 -38.59
C GLY A 43 22.53 24.18 -38.63
N ASN A 44 23.60 24.56 -37.95
CA ASN A 44 24.89 23.90 -38.08
C ASN A 44 25.62 23.81 -36.74
N ARG A 45 24.87 23.60 -35.65
CA ARG A 45 25.48 23.47 -34.33
C ARG A 45 26.50 22.35 -34.32
N ASP A 46 27.67 22.63 -33.74
CA ASP A 46 28.74 21.62 -33.70
C ASP A 46 28.27 20.36 -32.96
N ASP A 47 27.63 20.53 -31.81
CA ASP A 47 27.26 19.36 -31.01
C ASP A 47 26.19 18.52 -31.70
N SER A 48 25.17 19.16 -32.27
CA SER A 48 24.17 18.41 -33.01
C SER A 48 24.80 17.67 -34.18
N ASN A 49 25.78 18.29 -34.85
CA ASN A 49 26.51 17.56 -35.89
C ASN A 49 27.16 16.32 -35.30
N LEU A 50 27.81 16.47 -34.15
CA LEU A 50 28.43 15.32 -33.53
C LEU A 50 27.41 14.22 -33.27
N TYR A 51 26.30 14.54 -32.61
CA TYR A 51 25.40 13.48 -32.13
C TYR A 51 24.63 12.85 -33.29
N ILE A 52 24.23 13.66 -34.27
CA ILE A 52 23.58 13.12 -35.46
C ILE A 52 24.48 12.10 -36.15
N ASN A 53 25.77 12.43 -36.27
CA ASN A 53 26.67 11.48 -36.91
C ASN A 53 26.79 10.19 -36.10
N VAL A 54 26.78 10.29 -34.76
CA VAL A 54 26.78 9.08 -33.94
C VAL A 54 25.58 8.20 -34.31
N LYS A 55 24.39 8.81 -34.44
CA LYS A 55 23.21 8.05 -34.81
C LYS A 55 23.34 7.45 -36.20
N LEU A 56 23.93 8.19 -37.15
CA LEU A 56 24.13 7.65 -38.50
C LEU A 56 25.00 6.40 -38.47
N LYS A 57 26.10 6.45 -37.72
CA LYS A 57 26.98 5.29 -37.63
C LYS A 57 26.25 4.07 -37.06
N ALA A 58 25.54 4.26 -35.94
CA ALA A 58 24.81 3.14 -35.32
C ALA A 58 23.76 2.56 -36.26
N ALA A 59 22.98 3.43 -36.92
CA ALA A 59 22.01 2.92 -37.88
C ALA A 59 22.69 2.16 -39.01
N GLU A 60 23.91 2.56 -39.36
CA GLU A 60 24.62 1.87 -40.43
C GLU A 60 25.01 0.46 -39.98
N GLU A 61 25.56 0.34 -38.77
CA GLU A 61 25.93 -0.98 -38.26
C GLU A 61 24.74 -1.94 -38.28
N ILE A 62 23.54 -1.43 -37.98
CA ILE A 62 22.39 -2.29 -37.74
C ILE A 62 21.66 -2.71 -39.01
N GLY A 63 21.78 -1.94 -40.09
CA GLY A 63 20.95 -2.17 -41.26
C GLY A 63 19.79 -1.21 -41.38
N ILE A 64 19.80 -0.10 -40.65
CA ILE A 64 18.78 0.93 -40.77
C ILE A 64 19.29 1.97 -41.76
N LYS A 65 18.54 2.21 -42.82
CA LYS A 65 18.87 3.26 -43.78
C LYS A 65 18.53 4.62 -43.19
N ALA A 66 19.55 5.42 -42.85
CA ALA A 66 19.38 6.69 -42.16
C ALA A 66 19.77 7.85 -43.08
N THR A 67 18.79 8.66 -43.45
CA THR A 67 19.02 9.91 -44.19
C THR A 67 19.06 11.10 -43.23
N HIS A 68 20.02 12.00 -43.47
CA HIS A 68 20.20 13.25 -42.74
C HIS A 68 19.93 14.42 -43.67
N ILE A 69 19.00 15.30 -43.29
CA ILE A 69 18.67 16.49 -44.05
C ILE A 69 18.98 17.70 -43.20
N LYS A 70 19.89 18.53 -43.72
CA LYS A 70 20.39 19.73 -42.99
C LYS A 70 19.98 21.04 -43.67
N LEU A 71 19.03 21.75 -43.09
CA LEU A 71 18.52 23.05 -43.51
C LEU A 71 19.37 24.17 -42.91
N PRO A 72 19.52 25.29 -43.61
CA PRO A 72 20.38 26.37 -43.13
C PRO A 72 19.75 27.15 -41.97
N ARG A 73 20.60 27.93 -41.29
CA ARG A 73 20.12 28.72 -40.14
C ARG A 73 18.99 29.65 -40.53
N THR A 74 18.95 30.07 -41.78
CA THR A 74 18.01 31.09 -42.19
C THR A 74 16.66 30.53 -42.65
N THR A 75 16.44 29.23 -42.54
CA THR A 75 15.17 28.69 -43.03
C THR A 75 14.01 29.23 -42.21
N THR A 76 12.85 29.25 -42.84
CA THR A 76 11.63 29.71 -42.21
C THR A 76 10.86 28.53 -41.63
N GLU A 77 10.04 28.81 -40.62
CA GLU A 77 9.15 27.79 -40.08
C GLU A 77 8.30 27.18 -41.19
N SER A 78 7.93 27.98 -42.18
CA SER A 78 7.18 27.43 -43.31
C SER A 78 8.02 26.46 -44.14
N GLU A 79 9.35 26.63 -44.14
CA GLU A 79 10.21 25.70 -44.86
C GLU A 79 10.28 24.36 -44.15
N VAL A 80 10.49 24.39 -42.82
CA VAL A 80 10.54 23.15 -42.05
C VAL A 80 9.24 22.40 -42.18
N MET A 81 8.12 23.12 -42.16
CA MET A 81 6.81 22.49 -42.25
C MET A 81 6.68 21.71 -43.54
N LYS A 82 7.19 22.26 -44.65
CA LYS A 82 7.18 21.52 -45.91
C LYS A 82 7.87 20.17 -45.76
N TYR A 83 9.08 20.15 -45.20
CA TYR A 83 9.82 18.89 -45.10
C TYR A 83 9.13 17.89 -44.16
N ILE A 84 8.62 18.36 -43.03
CA ILE A 84 7.94 17.46 -42.11
C ILE A 84 6.78 16.78 -42.80
N THR A 85 5.98 17.56 -43.54
CA THR A 85 4.80 17.01 -44.22
C THR A 85 5.20 15.98 -45.27
N SER A 86 6.30 16.24 -45.97
CA SER A 86 6.85 15.32 -46.95
C SER A 86 7.31 14.02 -46.30
N LEU A 87 7.97 14.12 -45.14
CA LEU A 87 8.37 12.90 -44.44
C LEU A 87 7.17 12.13 -43.93
N ASN A 88 6.17 12.83 -43.37
CA ASN A 88 4.93 12.17 -42.93
C ASN A 88 4.32 11.37 -44.07
N GLU A 89 4.29 11.94 -45.27
CA GLU A 89 3.63 11.33 -46.42
C GLU A 89 4.49 10.30 -47.16
N ASP A 90 5.81 10.30 -46.93
CA ASP A 90 6.74 9.39 -47.61
C ASP A 90 6.61 7.99 -47.01
N SER A 91 6.02 7.05 -47.77
CA SER A 91 5.64 5.78 -47.16
C SER A 91 6.85 4.88 -46.89
N THR A 92 8.01 5.18 -47.47
CA THR A 92 9.21 4.39 -47.22
C THR A 92 9.99 4.89 -46.02
N VAL A 93 9.48 5.89 -45.32
CA VAL A 93 10.06 6.37 -44.07
C VAL A 93 9.21 5.83 -42.93
N HIS A 94 9.84 5.12 -42.01
CA HIS A 94 9.10 4.54 -40.89
C HIS A 94 9.12 5.44 -39.66
N GLY A 95 10.23 6.09 -39.37
CA GLY A 95 10.26 7.09 -38.32
C GLY A 95 11.20 8.22 -38.67
N PHE A 96 10.94 9.39 -38.10
CA PHE A 96 11.86 10.48 -38.30
C PHE A 96 11.84 11.41 -37.09
N LEU A 97 12.94 12.12 -36.89
CA LEU A 97 13.09 13.01 -35.76
C LEU A 97 13.68 14.35 -36.20
N VAL A 98 13.44 15.34 -35.37
CA VAL A 98 14.03 16.65 -35.56
C VAL A 98 15.02 16.87 -34.44
N GLN A 99 16.30 16.95 -34.81
CA GLN A 99 17.32 17.17 -33.80
C GLN A 99 17.10 18.53 -33.16
N LEU A 100 17.01 18.55 -31.82
CA LEU A 100 16.82 19.80 -31.09
C LEU A 100 18.12 20.26 -30.46
N PRO A 101 18.27 21.57 -30.17
CA PRO A 101 17.36 22.67 -30.48
C PRO A 101 17.58 23.21 -31.89
N LEU A 102 16.52 23.67 -32.55
CA LEU A 102 16.67 24.37 -33.82
C LEU A 102 17.68 25.50 -33.67
N ASP A 103 18.48 25.70 -34.71
CA ASP A 103 19.45 26.79 -34.79
C ASP A 103 19.00 27.69 -35.95
N SER A 104 18.33 28.79 -35.64
CA SER A 104 17.75 29.59 -36.71
C SER A 104 17.75 31.05 -36.34
N GLU A 105 18.09 31.88 -37.34
CA GLU A 105 17.96 33.32 -37.18
C GLU A 105 16.49 33.72 -37.06
N ASN A 106 15.61 33.09 -37.82
CA ASN A 106 14.18 33.34 -37.67
C ASN A 106 13.67 32.63 -36.43
N SER A 107 12.75 33.27 -35.72
CA SER A 107 12.22 32.76 -34.45
C SER A 107 11.14 31.74 -34.79
N ILE A 108 11.52 30.47 -34.73
CA ILE A 108 10.71 29.34 -35.21
C ILE A 108 10.09 28.63 -34.03
N ASN A 109 8.80 28.31 -34.14
CA ASN A 109 8.07 27.70 -33.03
C ASN A 109 8.39 26.20 -32.96
N THR A 110 9.26 25.82 -32.02
CA THR A 110 9.69 24.42 -31.90
C THR A 110 8.50 23.50 -31.71
N GLU A 111 7.54 23.91 -30.88
CA GLU A 111 6.41 23.06 -30.55
C GLU A 111 5.48 22.90 -31.75
N GLU A 112 5.27 23.97 -32.53
CA GLU A 112 4.52 23.83 -33.78
C GLU A 112 5.21 22.84 -34.70
N VAL A 113 6.52 22.95 -34.84
CA VAL A 113 7.27 22.05 -35.72
C VAL A 113 7.18 20.63 -35.21
N ILE A 114 7.48 20.43 -33.92
CA ILE A 114 7.53 19.08 -33.35
C ILE A 114 6.18 18.39 -33.48
N ASN A 115 5.09 19.11 -33.27
CA ASN A 115 3.80 18.45 -33.19
C ASN A 115 3.18 18.20 -34.54
N ALA A 116 3.85 18.55 -35.62
CA ALA A 116 3.34 18.18 -36.95
C ALA A 116 3.75 16.77 -37.35
N ILE A 117 4.77 16.21 -36.70
CA ILE A 117 5.23 14.86 -36.99
C ILE A 117 4.09 13.89 -36.74
N ALA A 118 3.86 13.01 -37.69
CA ALA A 118 2.93 11.92 -37.48
C ALA A 118 3.34 11.13 -36.24
N PRO A 119 2.44 10.93 -35.27
CA PRO A 119 2.84 10.20 -34.06
C PRO A 119 3.33 8.78 -34.33
N GLU A 120 2.81 8.10 -35.35
CA GLU A 120 3.31 6.77 -35.70
C GLU A 120 4.76 6.80 -36.16
N LYS A 121 5.33 7.97 -36.45
CA LYS A 121 6.74 8.03 -36.83
C LYS A 121 7.60 8.79 -35.83
N ASP A 122 7.03 9.24 -34.71
CA ASP A 122 7.72 10.08 -33.72
C ASP A 122 8.64 9.24 -32.82
N VAL A 123 9.64 8.61 -33.45
CA VAL A 123 10.54 7.71 -32.75
C VAL A 123 11.28 8.39 -31.60
N ASP A 124 11.32 9.72 -31.60
CA ASP A 124 11.91 10.41 -30.47
C ASP A 124 10.95 10.68 -29.32
N GLY A 125 9.68 10.28 -29.46
CA GLY A 125 8.68 10.57 -28.44
C GLY A 125 8.52 12.04 -28.11
N LEU A 126 8.59 12.89 -29.12
CA LEU A 126 8.45 14.31 -28.87
C LEU A 126 7.08 14.88 -29.22
N THR A 127 6.21 14.16 -29.92
CA THR A 127 4.88 14.72 -30.13
C THR A 127 4.08 14.74 -28.83
N SER A 128 3.24 15.77 -28.69
CA SER A 128 2.37 15.88 -27.52
C SER A 128 1.49 14.66 -27.36
N ILE A 129 1.06 14.03 -28.46
CA ILE A 129 0.25 12.81 -28.39
C ILE A 129 0.98 11.73 -27.59
N ASN A 130 2.27 11.54 -27.89
CA ASN A 130 3.10 10.52 -27.25
C ASN A 130 3.51 10.93 -25.85
N ALA A 131 3.72 12.24 -25.62
CA ALA A 131 4.03 12.70 -24.27
C ALA A 131 2.85 12.42 -23.31
N GLY A 132 1.62 12.59 -23.79
CA GLY A 132 0.46 12.41 -22.93
C GLY A 132 0.07 10.97 -22.68
N ARG A 133 0.34 10.07 -23.63
CA ARG A 133 0.13 8.65 -23.37
C ARG A 133 1.08 8.17 -22.28
N LEU A 134 2.35 8.52 -22.42
CA LEU A 134 3.32 8.17 -21.40
C LEU A 134 2.99 8.83 -20.07
N ALA A 135 2.60 10.10 -20.09
CA ALA A 135 2.41 10.79 -18.81
C ALA A 135 1.21 10.27 -18.02
N ARG A 136 0.34 9.49 -18.66
CA ARG A 136 -0.85 8.96 -18.04
C ARG A 136 -0.85 7.45 -17.93
N GLY A 137 0.23 6.78 -18.33
CA GLY A 137 0.42 5.36 -18.12
C GLY A 137 -0.03 4.46 -19.25
N ASP A 138 -0.51 5.01 -20.37
CA ASP A 138 -0.87 4.20 -21.54
C ASP A 138 0.39 3.91 -22.32
N LEU A 139 1.17 2.95 -21.81
CA LEU A 139 2.52 2.78 -22.31
C LEU A 139 2.60 1.85 -23.51
N ASN A 140 1.49 1.31 -23.95
CA ASN A 140 1.58 0.30 -25.03
C ASN A 140 1.39 0.90 -26.42
N ASP A 141 1.20 2.21 -26.52
CA ASP A 141 0.84 2.77 -27.84
C ASP A 141 1.75 3.94 -28.20
N CYS A 142 2.84 4.14 -27.48
CA CYS A 142 3.62 5.34 -27.70
C CYS A 142 5.09 5.03 -27.76
N PHE A 143 5.79 5.89 -28.48
CA PHE A 143 7.24 5.93 -28.49
C PHE A 143 7.68 6.67 -27.26
N ILE A 144 8.37 5.98 -26.36
CA ILE A 144 8.98 6.64 -25.22
C ILE A 144 10.24 7.34 -25.72
N PRO A 145 10.55 8.52 -25.22
CA PRO A 145 11.79 9.18 -25.63
C PRO A 145 13.01 8.34 -25.30
N CYS A 146 14.04 8.50 -26.14
CA CYS A 146 15.12 7.51 -26.21
C CYS A 146 16.04 7.57 -25.00
N THR A 147 16.40 8.79 -24.54
CA THR A 147 17.25 8.88 -23.35
C THR A 147 16.58 8.27 -22.13
N PRO A 148 15.33 8.64 -21.75
CA PRO A 148 14.68 7.93 -20.63
C PRO A 148 14.60 6.42 -20.85
N LYS A 149 14.35 5.97 -22.07
CA LYS A 149 14.32 4.53 -22.31
C LYS A 149 15.63 3.90 -21.91
N GLY A 150 16.72 4.64 -22.05
CA GLY A 150 18.03 4.05 -21.94
C GLY A 150 18.52 4.10 -20.53
N CYS A 151 18.05 5.11 -19.78
CA CYS A 151 18.24 5.07 -18.34
C CYS A 151 17.45 3.91 -17.73
N LEU A 152 16.22 3.70 -18.19
CA LEU A 152 15.41 2.60 -17.65
C LEU A 152 16.10 1.26 -17.89
N GLU A 153 16.64 1.07 -19.10
CA GLU A 153 17.37 -0.16 -19.40
C GLU A 153 18.59 -0.29 -18.50
N LEU A 154 19.31 0.82 -18.26
CA LEU A 154 20.44 0.78 -17.37
C LEU A 154 20.00 0.39 -15.94
N ILE A 155 18.95 1.04 -15.43
CA ILE A 155 18.53 0.76 -14.06
C ILE A 155 18.10 -0.70 -13.93
N LYS A 156 17.50 -1.27 -14.97
CA LYS A 156 17.14 -2.68 -14.92
C LYS A 156 18.35 -3.63 -14.88
N GLU A 157 19.53 -3.18 -15.31
CA GLU A 157 20.71 -4.04 -15.32
C GLU A 157 21.22 -4.30 -13.92
N THR A 158 20.80 -3.50 -12.93
CA THR A 158 21.21 -3.74 -11.56
C THR A 158 20.59 -5.02 -11.00
N GLY A 159 19.52 -5.50 -11.62
CA GLY A 159 18.69 -6.53 -11.06
C GLY A 159 17.86 -6.12 -9.85
N VAL A 160 17.92 -4.86 -9.43
CA VAL A 160 17.19 -4.39 -8.26
C VAL A 160 15.86 -3.81 -8.74
N PRO A 161 14.72 -4.37 -8.32
CA PRO A 161 13.43 -3.88 -8.79
C PRO A 161 13.26 -2.40 -8.54
N ILE A 162 12.54 -1.75 -9.47
CA ILE A 162 12.24 -0.32 -9.29
C ILE A 162 11.04 -0.09 -8.36
N ALA A 163 10.06 -0.97 -8.37
CA ALA A 163 8.83 -0.72 -7.62
C ALA A 163 9.14 -0.54 -6.14
N GLY A 164 8.58 0.50 -5.54
CA GLY A 164 8.76 0.76 -4.15
C GLY A 164 9.90 1.67 -3.80
N ARG A 165 10.88 1.86 -4.69
CA ARG A 165 12.02 2.68 -4.31
C ARG A 165 11.71 4.14 -4.52
N HIS A 166 12.41 5.00 -3.79
CA HIS A 166 12.31 6.45 -3.98
C HIS A 166 13.30 6.89 -5.05
N ALA A 167 12.80 7.51 -6.11
CA ALA A 167 13.60 7.92 -7.25
C ALA A 167 13.57 9.43 -7.34
N VAL A 168 14.72 10.05 -7.53
CA VAL A 168 14.86 11.50 -7.58
C VAL A 168 15.33 11.86 -8.98
N VAL A 169 14.47 12.52 -9.75
CA VAL A 169 14.81 12.99 -11.10
C VAL A 169 15.12 14.46 -11.01
N VAL A 170 16.34 14.84 -11.40
CA VAL A 170 16.81 16.21 -11.31
C VAL A 170 16.77 16.80 -12.70
N GLY A 171 15.80 17.68 -12.93
CA GLY A 171 15.61 18.28 -14.23
C GLY A 171 14.25 17.91 -14.78
N ARG A 172 13.65 18.82 -15.59
CA ARG A 172 12.30 18.66 -16.08
C ARG A 172 12.20 18.99 -17.57
N SER A 173 13.27 18.74 -18.30
CA SER A 173 13.25 19.07 -19.71
C SER A 173 12.32 18.13 -20.47
N LYS A 174 11.86 18.58 -21.62
CA LYS A 174 10.92 17.78 -22.44
C LYS A 174 11.61 16.53 -22.99
N ILE A 175 12.93 16.54 -23.10
CA ILE A 175 13.58 15.43 -23.76
C ILE A 175 14.04 14.37 -22.77
N VAL A 176 14.43 14.78 -21.57
CA VAL A 176 14.97 13.84 -20.59
C VAL A 176 14.15 13.88 -19.31
N GLY A 177 14.25 15.00 -18.58
CA GLY A 177 13.77 15.10 -17.21
C GLY A 177 12.33 14.70 -17.02
N ALA A 178 11.43 15.45 -17.67
CA ALA A 178 9.99 15.20 -17.53
C ALA A 178 9.61 13.79 -17.96
N PRO A 179 10.00 13.29 -19.14
CA PRO A 179 9.66 11.89 -19.46
C PRO A 179 10.35 10.85 -18.57
N MET A 180 11.49 11.15 -17.93
CA MET A 180 12.08 10.16 -17.03
C MET A 180 11.20 9.96 -15.81
N HIS A 181 10.61 11.03 -15.30
CA HIS A 181 9.68 10.93 -14.19
C HIS A 181 8.52 9.98 -14.51
N ASP A 182 7.96 10.11 -15.71
CA ASP A 182 6.82 9.29 -16.10
C ASP A 182 7.18 7.81 -16.21
N LEU A 183 8.34 7.52 -16.82
CA LEU A 183 8.81 6.14 -16.92
C LEU A 183 8.99 5.52 -15.55
N LEU A 184 9.71 6.19 -14.66
CA LEU A 184 9.93 5.67 -13.32
C LEU A 184 8.62 5.53 -12.57
N LEU A 185 7.71 6.52 -12.73
CA LEU A 185 6.42 6.45 -12.02
C LEU A 185 5.61 5.23 -12.45
N TRP A 186 5.52 4.95 -13.76
CA TRP A 186 4.78 3.79 -14.20
C TRP A 186 5.61 2.49 -14.15
N ASN A 187 6.86 2.55 -13.70
CA ASN A 187 7.50 1.37 -13.14
C ASN A 187 7.38 1.30 -11.62
N ASN A 188 6.53 2.14 -11.02
CA ASN A 188 6.08 2.07 -9.63
C ASN A 188 7.10 2.56 -8.59
N ALA A 189 8.02 3.42 -8.96
CA ALA A 189 8.77 4.17 -7.98
C ALA A 189 7.89 5.27 -7.39
N THR A 190 8.30 5.75 -6.21
CA THR A 190 7.87 7.04 -5.68
C THR A 190 8.89 8.03 -6.21
N VAL A 191 8.44 9.05 -6.93
CA VAL A 191 9.32 9.90 -7.73
C VAL A 191 9.25 11.34 -7.23
N THR A 192 10.41 11.91 -6.94
CA THR A 192 10.56 13.35 -6.70
C THR A 192 11.20 14.00 -7.94
N THR A 193 10.55 15.02 -8.48
CA THR A 193 11.13 15.79 -9.58
C THR A 193 11.62 17.13 -9.06
N CYS A 194 12.89 17.42 -9.32
CA CYS A 194 13.59 18.65 -8.94
C CYS A 194 13.92 19.48 -10.17
N HIS A 195 14.18 20.76 -9.90
CA HIS A 195 14.46 21.74 -10.96
C HIS A 195 15.21 22.91 -10.32
N SER A 196 15.04 24.11 -10.85
CA SER A 196 15.79 25.29 -10.35
C SER A 196 15.19 26.09 -9.21
N LYS A 197 13.90 26.00 -9.01
CA LYS A 197 13.29 26.68 -7.85
C LYS A 197 13.31 25.68 -6.70
N THR A 198 13.86 24.49 -6.95
CA THR A 198 13.96 23.45 -5.89
C THR A 198 14.95 23.92 -4.83
N ALA A 199 14.52 24.05 -3.58
CA ALA A 199 15.41 24.40 -2.48
C ALA A 199 15.86 23.14 -1.77
N HIS A 200 17.10 23.19 -1.26
CA HIS A 200 17.71 22.08 -0.51
C HIS A 200 17.84 20.83 -1.40
N LEU A 201 18.34 21.06 -2.62
CA LEU A 201 18.53 19.98 -3.59
C LEU A 201 19.36 18.83 -2.99
N ASP A 202 20.35 19.17 -2.18
CA ASP A 202 21.23 18.17 -1.51
C ASP A 202 20.39 17.17 -0.75
N GLU A 203 19.32 17.64 -0.11
CA GLU A 203 18.44 16.80 0.70
C GLU A 203 17.38 16.05 -0.13
N GLU A 204 16.87 16.67 -1.20
CA GLU A 204 16.03 15.91 -2.10
C GLU A 204 16.85 14.81 -2.79
N VAL A 205 18.09 15.11 -3.16
CA VAL A 205 18.98 14.10 -3.73
C VAL A 205 19.18 12.97 -2.74
N ASN A 206 19.48 13.33 -1.49
CA ASN A 206 19.81 12.34 -0.48
C ASN A 206 18.67 11.36 -0.21
N LYS A 207 17.48 11.59 -0.77
CA LYS A 207 16.37 10.64 -0.72
C LYS A 207 16.41 9.58 -1.83
N GLY A 208 17.24 9.76 -2.86
CA GLY A 208 17.19 8.87 -4.00
C GLY A 208 17.81 7.48 -3.85
N ASP A 209 16.97 6.45 -3.79
CA ASP A 209 17.40 5.09 -4.13
C ASP A 209 17.79 5.00 -5.59
N ILE A 210 17.12 5.77 -6.43
CA ILE A 210 17.43 5.94 -7.84
C ILE A 210 17.62 7.43 -8.07
N LEU A 211 18.74 7.82 -8.68
CA LEU A 211 19.05 9.21 -8.92
C LEU A 211 19.41 9.38 -10.38
N VAL A 212 18.60 10.15 -11.11
CA VAL A 212 18.88 10.53 -12.49
C VAL A 212 19.12 12.04 -12.53
N VAL A 213 20.22 12.45 -13.17
CA VAL A 213 20.64 13.84 -13.15
C VAL A 213 20.79 14.31 -14.60
N ALA A 214 19.95 15.28 -14.98
CA ALA A 214 19.85 15.78 -16.34
C ALA A 214 19.78 17.31 -16.32
N THR A 215 20.77 17.95 -15.68
CA THR A 215 20.80 19.40 -15.49
C THR A 215 21.61 20.16 -16.54
N GLY A 216 22.59 19.53 -17.18
CA GLY A 216 23.57 20.29 -17.95
C GLY A 216 24.42 21.25 -17.13
N GLN A 217 24.68 20.91 -15.87
CA GLN A 217 25.41 21.76 -14.93
C GLN A 217 26.60 20.96 -14.43
N PRO A 218 27.79 21.13 -15.03
CA PRO A 218 28.88 20.15 -14.83
C PRO A 218 29.18 19.83 -13.37
N GLU A 219 28.97 18.56 -12.99
CA GLU A 219 29.33 18.05 -11.67
C GLU A 219 28.63 18.79 -10.52
N MET A 220 27.41 19.28 -10.75
CA MET A 220 26.74 20.10 -9.75
C MET A 220 26.17 19.24 -8.62
N VAL A 221 25.74 18.03 -8.91
CA VAL A 221 25.33 17.10 -7.85
C VAL A 221 26.61 16.52 -7.24
N LYS A 222 26.93 16.93 -6.02
CA LYS A 222 28.14 16.47 -5.35
C LYS A 222 27.92 15.07 -4.79
N GLY A 223 29.00 14.28 -4.78
CA GLY A 223 28.91 12.92 -4.28
C GLY A 223 28.45 12.84 -2.84
N GLU A 224 28.72 13.88 -2.05
CA GLU A 224 28.38 13.83 -0.64
C GLU A 224 26.87 13.85 -0.38
N TRP A 225 26.08 14.23 -1.39
CA TRP A 225 24.62 14.25 -1.26
C TRP A 225 24.00 12.89 -1.52
N ILE A 226 24.69 12.01 -2.24
CA ILE A 226 24.12 10.73 -2.65
C ILE A 226 23.80 9.84 -1.44
N LYS A 227 22.64 9.19 -1.48
CA LYS A 227 22.30 8.20 -0.45
C LYS A 227 23.17 6.97 -0.63
N PRO A 228 23.75 6.42 0.44
CA PRO A 228 24.58 5.22 0.29
C PRO A 228 23.80 4.04 -0.26
N GLY A 229 24.38 3.38 -1.27
CA GLY A 229 23.69 2.32 -2.00
C GLY A 229 22.85 2.77 -3.18
N ALA A 230 22.76 4.08 -3.44
CA ALA A 230 21.95 4.60 -4.52
C ALA A 230 22.45 4.11 -5.88
N ILE A 231 21.50 3.90 -6.79
CA ILE A 231 21.79 3.73 -8.21
C ILE A 231 21.81 5.12 -8.83
N VAL A 232 22.97 5.52 -9.37
CA VAL A 232 23.17 6.86 -9.91
C VAL A 232 23.26 6.78 -11.43
N ILE A 233 22.43 7.59 -12.12
CA ILE A 233 22.38 7.73 -13.57
C ILE A 233 22.71 9.18 -13.93
N ASP A 234 23.78 9.39 -14.70
CA ASP A 234 24.24 10.72 -15.09
C ASP A 234 24.01 10.91 -16.59
N CYS A 235 23.03 11.74 -16.94
CA CYS A 235 22.73 12.08 -18.32
C CYS A 235 23.61 13.19 -18.86
N GLY A 236 24.49 13.76 -18.03
CA GLY A 236 25.27 14.90 -18.44
C GLY A 236 26.30 14.57 -19.50
N ILE A 237 26.58 15.59 -20.32
CA ILE A 237 27.79 15.69 -21.16
C ILE A 237 28.20 17.15 -21.09
N ASN A 238 29.27 17.45 -20.35
CA ASN A 238 29.69 18.84 -20.15
C ASN A 238 31.17 19.00 -20.49
N TYR A 239 31.46 19.89 -21.44
CA TYR A 239 32.83 20.15 -21.85
C TYR A 239 33.42 21.24 -20.97
N VAL A 240 34.57 20.97 -20.37
CA VAL A 240 35.21 21.83 -19.39
C VAL A 240 36.72 21.89 -19.61
N PRO A 241 37.49 22.68 -18.81
CA PRO A 241 38.96 22.62 -18.73
C PRO A 241 39.58 21.22 -18.85
N LYS A 250 37.80 18.42 -21.65
CA LYS A 250 37.41 17.08 -21.20
C LYS A 250 35.90 16.98 -20.94
N VAL A 251 35.34 15.80 -21.20
CA VAL A 251 33.92 15.57 -20.96
C VAL A 251 33.73 15.16 -19.50
N VAL A 252 32.72 15.76 -18.85
CA VAL A 252 32.29 15.36 -17.51
C VAL A 252 30.77 15.36 -17.46
N GLY A 253 30.22 14.70 -16.44
CA GLY A 253 28.79 14.60 -16.26
C GLY A 253 28.23 15.64 -15.31
N ASP A 254 26.95 15.46 -15.01
CA ASP A 254 26.28 16.32 -14.05
C ASP A 254 26.52 15.92 -12.59
N VAL A 255 27.20 14.80 -12.34
CA VAL A 255 27.45 14.30 -10.99
C VAL A 255 28.95 14.33 -10.72
N ALA A 256 29.33 14.62 -9.47
CA ALA A 256 30.71 14.49 -9.03
C ALA A 256 31.10 13.03 -8.96
N TYR A 257 31.72 12.51 -10.02
CA TYR A 257 31.86 11.08 -10.22
C TYR A 257 32.65 10.41 -9.10
N ASP A 258 33.80 10.98 -8.73
CA ASP A 258 34.70 10.33 -7.78
C ASP A 258 33.99 10.03 -6.48
N GLU A 259 33.59 11.10 -5.79
CA GLU A 259 32.93 10.98 -4.50
C GLU A 259 31.65 10.17 -4.62
N ALA A 260 30.91 10.36 -5.71
CA ALA A 260 29.64 9.65 -5.86
C ALA A 260 29.87 8.15 -5.96
N LYS A 261 30.90 7.75 -6.73
CA LYS A 261 31.26 6.34 -6.88
C LYS A 261 31.54 5.69 -5.53
N GLU A 262 32.08 6.45 -4.59
CA GLU A 262 32.37 5.92 -3.27
C GLU A 262 31.12 5.57 -2.46
N ARG A 263 29.93 6.01 -2.87
CA ARG A 263 28.70 5.82 -2.09
C ARG A 263 27.62 5.04 -2.83
N ALA A 264 27.53 5.18 -4.15
CA ALA A 264 26.52 4.47 -4.92
C ALA A 264 26.78 2.96 -4.89
N SER A 265 25.73 2.18 -5.16
CA SER A 265 25.96 0.78 -5.46
C SER A 265 26.28 0.59 -6.94
N PHE A 266 25.66 1.40 -7.80
CA PHE A 266 25.83 1.37 -9.24
C PHE A 266 25.95 2.81 -9.74
N ILE A 267 26.66 3.02 -10.84
CA ILE A 267 26.85 4.38 -11.34
C ILE A 267 27.29 4.29 -12.79
N THR A 268 26.84 5.28 -13.59
CA THR A 268 27.15 5.36 -15.01
C THR A 268 28.38 6.21 -15.22
N PRO A 269 29.40 5.72 -15.92
CA PRO A 269 30.51 6.57 -16.31
C PRO A 269 30.06 7.61 -17.32
N VAL A 270 30.74 8.75 -17.30
CA VAL A 270 30.62 9.78 -18.31
C VAL A 270 32.01 9.99 -18.90
N PRO A 271 32.20 9.85 -20.23
CA PRO A 271 31.20 9.43 -21.22
C PRO A 271 31.10 7.93 -21.18
N GLY A 272 30.48 7.28 -22.16
CA GLY A 272 30.37 5.84 -22.07
C GLY A 272 29.25 5.32 -21.19
N GLY A 273 28.31 6.17 -20.75
CA GLY A 273 27.18 5.76 -19.94
C GLY A 273 25.83 5.82 -20.66
N VAL A 274 25.09 6.93 -20.44
CA VAL A 274 23.77 7.08 -21.04
C VAL A 274 23.86 7.29 -22.56
N GLY A 275 24.84 8.06 -23.03
CA GLY A 275 24.98 8.43 -24.42
C GLY A 275 24.78 7.32 -25.43
N PRO A 276 25.58 6.24 -25.37
CA PRO A 276 25.36 5.13 -26.31
C PRO A 276 24.05 4.40 -26.10
N MET A 277 23.45 4.48 -24.90
CA MET A 277 22.15 3.86 -24.66
C MET A 277 21.03 4.65 -25.32
N THR A 278 21.17 5.98 -25.36
CA THR A 278 20.21 6.80 -26.11
C THR A 278 20.17 6.41 -27.58
N VAL A 279 21.35 6.24 -28.17
CA VAL A 279 21.38 5.94 -29.59
C VAL A 279 20.76 4.59 -29.85
N ALA A 280 21.10 3.62 -29.02
CA ALA A 280 20.60 2.27 -29.23
C ALA A 280 19.09 2.24 -29.09
N MET A 281 18.55 3.01 -28.14
CA MET A 281 17.09 3.06 -27.97
C MET A 281 16.40 3.65 -29.20
N LEU A 282 16.96 4.71 -29.78
CA LEU A 282 16.36 5.25 -31.01
C LEU A 282 16.30 4.20 -32.10
N MET A 283 17.39 3.44 -32.27
CA MET A 283 17.40 2.40 -33.28
C MET A 283 16.37 1.34 -32.98
N GLN A 284 16.25 0.97 -31.69
CA GLN A 284 15.22 0.03 -31.29
C GLN A 284 13.83 0.58 -31.59
N SER A 285 13.62 1.86 -31.31
CA SER A 285 12.32 2.47 -31.66
C SER A 285 12.13 2.47 -33.18
N THR A 286 13.18 2.75 -33.94
CA THR A 286 13.06 2.74 -35.39
C THR A 286 12.68 1.35 -35.90
N VAL A 287 13.35 0.32 -35.40
CA VAL A 287 13.05 -1.02 -35.85
C VAL A 287 11.61 -1.39 -35.47
N GLU A 288 11.17 -0.96 -34.29
CA GLU A 288 9.79 -1.24 -33.89
C GLU A 288 8.75 -0.53 -34.76
N SER A 289 8.99 0.75 -35.12
CA SER A 289 7.99 1.40 -35.98
C SER A 289 7.98 0.78 -37.38
N ALA A 290 9.13 0.29 -37.86
CA ALA A 290 9.18 -0.41 -39.14
C ALA A 290 8.46 -1.76 -39.08
N LYS A 291 8.60 -2.47 -37.96
CA LYS A 291 7.82 -3.68 -37.75
C LYS A 291 6.33 -3.38 -37.78
N ARG A 292 5.90 -2.33 -37.07
CA ARG A 292 4.47 -2.05 -37.02
C ARG A 292 3.93 -1.69 -38.40
N PHE A 293 4.80 -1.20 -39.29
CA PHE A 293 4.43 -0.81 -40.65
C PHE A 293 4.21 -2.02 -41.54
N LEU A 294 5.05 -3.05 -41.41
CA LEU A 294 4.82 -4.27 -42.17
C LEU A 294 3.43 -4.83 -41.91
N GLU A 295 2.97 -4.73 -40.66
CA GLU A 295 1.62 -5.17 -40.32
C GLU A 295 0.64 -4.03 -40.37
N PRO B 2 -5.24 25.43 15.38
CA PRO B 2 -6.14 24.99 14.32
C PRO B 2 -6.00 25.76 13.00
N ALA B 3 -6.33 25.06 11.92
CA ALA B 3 -6.09 25.55 10.56
C ALA B 3 -7.28 26.34 10.04
N GLU B 4 -6.98 27.39 9.28
CA GLU B 4 -8.04 28.05 8.52
C GLU B 4 -8.62 27.08 7.51
N ILE B 5 -9.94 26.96 7.50
CA ILE B 5 -10.65 26.14 6.53
C ILE B 5 -10.68 26.90 5.21
N LEU B 6 -10.33 26.20 4.13
CA LEU B 6 -10.53 26.75 2.80
C LEU B 6 -11.98 26.50 2.43
N ASN B 7 -12.72 27.57 2.09
CA ASN B 7 -14.17 27.47 1.89
C ASN B 7 -14.46 27.35 0.39
N GLY B 8 -14.48 26.11 -0.10
CA GLY B 8 -14.72 25.88 -1.52
C GLY B 8 -16.11 26.27 -1.96
N LYS B 9 -17.12 25.91 -1.14
CA LYS B 9 -18.49 26.30 -1.45
C LYS B 9 -18.61 27.80 -1.66
N GLU B 10 -17.86 28.57 -0.86
CA GLU B 10 -17.88 30.02 -0.91
C GLU B 10 -16.92 30.57 -1.98
N ILE B 11 -15.70 30.03 -2.07
CA ILE B 11 -14.79 30.49 -3.12
C ILE B 11 -15.42 30.31 -4.50
N SER B 12 -16.07 29.15 -4.72
CA SER B 12 -16.70 28.85 -6.01
C SER B 12 -17.87 29.77 -6.31
N ALA B 13 -18.68 30.11 -5.30
CA ALA B 13 -19.75 31.09 -5.51
C ALA B 13 -19.21 32.32 -6.22
N GLN B 14 -18.10 32.85 -5.71
CA GLN B 14 -17.43 33.99 -6.32
C GLN B 14 -17.15 33.74 -7.80
N ILE B 15 -16.58 32.58 -8.14
CA ILE B 15 -16.26 32.27 -9.53
C ILE B 15 -17.51 32.17 -10.38
N ARG B 16 -18.54 31.49 -9.89
CA ARG B 16 -19.73 31.32 -10.71
C ARG B 16 -20.44 32.66 -10.93
N ALA B 17 -20.39 33.57 -9.96
CA ALA B 17 -20.90 34.92 -10.18
C ALA B 17 -20.07 35.66 -11.23
N ARG B 18 -18.75 35.51 -11.18
CA ARG B 18 -17.92 36.09 -12.23
C ARG B 18 -18.27 35.52 -13.60
N LEU B 19 -18.45 34.20 -13.66
CA LEU B 19 -18.70 33.58 -14.95
C LEU B 19 -20.05 34.00 -15.51
N LYS B 20 -21.07 34.10 -14.66
CA LYS B 20 -22.38 34.54 -15.10
C LYS B 20 -22.32 35.93 -15.71
N ASN B 21 -21.69 36.87 -14.99
CA ASN B 21 -21.53 38.19 -15.53
C ASN B 21 -20.79 38.14 -16.86
N GLN B 22 -19.74 37.32 -16.94
CA GLN B 22 -19.01 37.19 -18.18
C GLN B 22 -19.92 36.74 -19.31
N VAL B 23 -20.80 35.76 -19.02
CA VAL B 23 -21.67 35.20 -20.04
C VAL B 23 -22.71 36.21 -20.49
N THR B 24 -23.23 37.01 -19.56
CA THR B 24 -24.19 38.06 -19.94
C THR B 24 -23.52 39.15 -20.78
N GLN B 25 -22.30 39.57 -20.43
CA GLN B 25 -21.55 40.47 -21.29
C GLN B 25 -21.45 39.90 -22.69
N LEU B 26 -21.04 38.64 -22.78
CA LEU B 26 -20.79 38.01 -24.06
C LEU B 26 -22.06 37.78 -24.86
N LYS B 27 -23.23 37.91 -24.23
CA LYS B 27 -24.49 37.87 -24.96
C LYS B 27 -24.94 39.26 -25.39
N GLU B 28 -24.66 40.29 -24.59
CA GLU B 28 -24.84 41.66 -25.05
C GLU B 28 -23.87 41.98 -26.19
N GLN B 29 -22.61 41.54 -26.06
CA GLN B 29 -21.61 41.86 -27.09
C GLN B 29 -21.84 41.07 -28.38
N VAL B 30 -22.44 39.88 -28.30
CA VAL B 30 -22.70 39.06 -29.47
C VAL B 30 -24.10 38.45 -29.36
N PRO B 31 -25.08 38.96 -30.13
CA PRO B 31 -26.47 38.54 -29.90
C PRO B 31 -26.79 37.19 -30.52
N GLY B 32 -27.60 36.41 -29.80
CA GLY B 32 -27.99 35.07 -30.20
C GLY B 32 -27.00 33.98 -29.84
N PHE B 33 -25.89 34.33 -29.21
CA PHE B 33 -24.81 33.38 -28.92
C PHE B 33 -24.81 32.97 -27.46
N THR B 34 -24.60 31.67 -27.23
CA THR B 34 -24.59 31.16 -25.90
C THR B 34 -23.60 30.01 -25.84
N PRO B 35 -22.78 29.94 -24.79
CA PRO B 35 -21.92 28.76 -24.60
C PRO B 35 -22.75 27.49 -24.48
N ARG B 36 -22.34 26.45 -25.19
CA ARG B 36 -23.07 25.18 -25.19
C ARG B 36 -22.16 24.03 -24.74
N LEU B 37 -22.68 23.22 -23.82
CA LEU B 37 -21.94 22.13 -23.20
C LEU B 37 -22.74 20.85 -23.34
N ALA B 38 -22.03 19.75 -23.58
CA ALA B 38 -22.66 18.43 -23.61
C ALA B 38 -21.92 17.52 -22.65
N ILE B 39 -22.65 16.84 -21.78
CA ILE B 39 -22.11 15.79 -20.93
C ILE B 39 -22.68 14.47 -21.43
N LEU B 40 -21.81 13.55 -21.84
CA LEU B 40 -22.18 12.21 -22.25
C LEU B 40 -21.92 11.26 -21.08
N GLN B 41 -22.94 10.50 -20.70
CA GLN B 41 -22.85 9.49 -19.66
C GLN B 41 -23.16 8.12 -20.27
N VAL B 42 -22.45 7.08 -19.82
CA VAL B 42 -22.73 5.71 -20.22
C VAL B 42 -23.19 4.95 -18.98
N GLY B 43 -24.32 4.24 -19.10
CA GLY B 43 -24.90 3.53 -17.97
C GLY B 43 -25.57 4.47 -16.98
N ASN B 44 -25.75 3.98 -15.76
CA ASN B 44 -26.66 4.63 -14.82
C ASN B 44 -26.10 4.63 -13.40
N ARG B 45 -24.81 4.90 -13.23
CA ARG B 45 -24.24 4.94 -11.89
C ARG B 45 -24.95 5.98 -11.04
N ASP B 46 -25.13 5.68 -9.75
CA ASP B 46 -25.72 6.66 -8.84
C ASP B 46 -24.85 7.90 -8.71
N ASP B 47 -23.55 7.71 -8.43
CA ASP B 47 -22.71 8.88 -8.18
C ASP B 47 -22.52 9.70 -9.45
N SER B 48 -22.45 9.05 -10.61
CA SER B 48 -22.39 9.80 -11.86
C SER B 48 -23.64 10.65 -12.06
N ASN B 49 -24.79 10.16 -11.64
CA ASN B 49 -26.04 10.95 -11.73
C ASN B 49 -25.94 12.24 -10.90
N LEU B 50 -25.36 12.15 -9.70
CA LEU B 50 -25.27 13.30 -8.81
C LEU B 50 -24.32 14.36 -9.35
N TYR B 51 -23.11 13.96 -9.76
CA TYR B 51 -22.14 14.94 -10.21
C TYR B 51 -22.57 15.56 -11.54
N ILE B 52 -23.11 14.75 -12.45
CA ILE B 52 -23.63 15.27 -13.72
C ILE B 52 -24.67 16.34 -13.48
N ASN B 53 -25.56 16.10 -12.52
CA ASN B 53 -26.68 17.00 -12.28
C ASN B 53 -26.24 18.25 -11.51
N VAL B 54 -25.26 18.12 -10.61
CA VAL B 54 -24.65 19.30 -10.02
C VAL B 54 -24.02 20.19 -11.10
N LYS B 55 -23.44 19.57 -12.12
CA LYS B 55 -22.89 20.35 -13.23
C LYS B 55 -24.00 20.99 -14.05
N LEU B 56 -25.11 20.26 -14.23
CA LEU B 56 -26.26 20.84 -14.92
C LEU B 56 -26.76 22.06 -14.18
N LYS B 57 -26.81 22.01 -12.85
CA LYS B 57 -27.27 23.17 -12.11
C LYS B 57 -26.31 24.35 -12.29
N ALA B 58 -25.01 24.10 -12.15
CA ALA B 58 -24.03 25.18 -12.23
C ALA B 58 -24.08 25.85 -13.60
N ALA B 59 -24.30 25.07 -14.66
CA ALA B 59 -24.42 25.66 -15.99
C ALA B 59 -25.67 26.53 -16.13
N GLU B 60 -26.74 26.19 -15.39
CA GLU B 60 -27.97 26.96 -15.50
C GLU B 60 -27.84 28.29 -14.76
N GLU B 61 -27.30 28.26 -13.54
CA GLU B 61 -27.06 29.49 -12.80
C GLU B 61 -26.14 30.46 -13.55
N ILE B 62 -25.28 29.96 -14.44
CA ILE B 62 -24.27 30.82 -15.06
C ILE B 62 -24.71 31.35 -16.42
N GLY B 63 -25.56 30.63 -17.15
CA GLY B 63 -25.95 31.00 -18.49
C GLY B 63 -25.50 30.04 -19.56
N ILE B 64 -24.64 29.06 -19.23
CA ILE B 64 -24.23 28.03 -20.18
C ILE B 64 -25.41 27.12 -20.48
N LYS B 65 -25.54 26.71 -21.75
CA LYS B 65 -26.53 25.71 -22.17
C LYS B 65 -25.92 24.31 -22.12
N ALA B 66 -26.25 23.56 -21.06
CA ALA B 66 -25.70 22.23 -20.85
C ALA B 66 -26.75 21.16 -21.17
N THR B 67 -26.39 20.28 -22.10
CA THR B 67 -27.19 19.13 -22.50
C THR B 67 -26.61 17.86 -21.86
N HIS B 68 -27.48 16.94 -21.42
CA HIS B 68 -27.09 15.67 -20.78
C HIS B 68 -27.63 14.50 -21.59
N ILE B 69 -26.73 13.62 -22.04
CA ILE B 69 -27.08 12.46 -22.83
C ILE B 69 -26.70 11.22 -22.02
N LYS B 70 -27.73 10.45 -21.67
CA LYS B 70 -27.55 9.22 -20.88
C LYS B 70 -27.74 8.01 -21.78
N LEU B 71 -26.66 7.30 -22.02
CA LEU B 71 -26.65 6.06 -22.79
C LEU B 71 -26.87 4.84 -21.88
N PRO B 72 -27.53 3.78 -22.40
CA PRO B 72 -27.75 2.57 -21.62
C PRO B 72 -26.47 1.78 -21.28
N ARG B 73 -26.52 0.94 -20.26
CA ARG B 73 -25.35 0.12 -19.85
C ARG B 73 -25.03 -0.89 -20.94
N THR B 74 -26.00 -1.16 -21.81
CA THR B 74 -25.85 -2.15 -22.89
C THR B 74 -25.28 -1.52 -24.16
N THR B 75 -24.73 -0.32 -24.07
CA THR B 75 -24.27 0.32 -25.32
C THR B 75 -22.87 -0.17 -25.71
N THR B 76 -22.61 -0.14 -26.99
CA THR B 76 -21.32 -0.62 -27.55
C THR B 76 -20.35 0.54 -27.70
N GLU B 77 -19.08 0.21 -27.91
CA GLU B 77 -18.08 1.24 -28.13
C GLU B 77 -18.40 2.03 -29.38
N SER B 78 -18.90 1.37 -30.41
CA SER B 78 -19.18 2.05 -31.67
C SER B 78 -20.32 3.05 -31.50
N GLU B 79 -21.33 2.70 -30.70
CA GLU B 79 -22.44 3.61 -30.42
C GLU B 79 -21.93 4.88 -29.75
N VAL B 80 -21.03 4.73 -28.76
CA VAL B 80 -20.46 5.88 -28.06
C VAL B 80 -19.68 6.78 -29.01
N MET B 81 -18.90 6.18 -29.94
CA MET B 81 -18.14 6.98 -30.90
C MET B 81 -19.05 7.82 -31.78
N LYS B 82 -20.16 7.25 -32.23
CA LYS B 82 -21.07 8.00 -33.09
C LYS B 82 -21.50 9.30 -32.42
N TYR B 83 -21.78 9.24 -31.11
CA TYR B 83 -22.12 10.46 -30.36
C TYR B 83 -20.94 11.43 -30.30
N ILE B 84 -19.75 10.93 -29.96
CA ILE B 84 -18.57 11.78 -29.97
C ILE B 84 -18.39 12.41 -31.33
N THR B 85 -18.57 11.62 -32.39
CA THR B 85 -18.40 12.10 -33.74
C THR B 85 -19.35 13.26 -34.02
N SER B 86 -20.62 13.08 -33.70
CA SER B 86 -21.58 14.15 -33.96
C SER B 86 -21.22 15.40 -33.17
N LEU B 87 -20.83 15.24 -31.90
CA LEU B 87 -20.51 16.39 -31.06
C LEU B 87 -19.29 17.15 -31.59
N ASN B 88 -18.30 16.43 -32.11
CA ASN B 88 -17.08 17.06 -32.64
C ASN B 88 -17.40 18.03 -33.77
N GLU B 89 -18.28 17.63 -34.66
CA GLU B 89 -18.58 18.44 -35.83
C GLU B 89 -19.70 19.43 -35.59
N ASP B 90 -20.52 19.24 -34.55
CA ASP B 90 -21.56 20.22 -34.23
C ASP B 90 -20.88 21.52 -33.84
N SER B 91 -20.87 22.46 -34.78
CA SER B 91 -20.15 23.71 -34.57
C SER B 91 -20.82 24.58 -33.54
N THR B 92 -21.99 24.18 -33.02
CA THR B 92 -22.65 24.93 -31.97
C THR B 92 -22.22 24.49 -30.57
N VAL B 93 -21.66 23.29 -30.45
CA VAL B 93 -21.20 22.76 -29.17
C VAL B 93 -19.76 23.20 -28.99
N HIS B 94 -19.52 24.02 -27.96
CA HIS B 94 -18.18 24.53 -27.72
C HIS B 94 -17.36 23.62 -26.84
N GLY B 95 -17.98 22.60 -26.25
CA GLY B 95 -17.23 21.70 -25.42
C GLY B 95 -18.11 20.59 -24.93
N PHE B 96 -17.57 19.37 -24.89
CA PHE B 96 -18.25 18.24 -24.28
C PHE B 96 -17.27 17.40 -23.47
N LEU B 97 -17.81 16.43 -22.76
CA LEU B 97 -17.01 15.53 -21.94
C LEU B 97 -17.78 14.23 -21.79
N VAL B 98 -17.05 13.16 -21.49
CA VAL B 98 -17.66 11.90 -21.13
C VAL B 98 -17.42 11.70 -19.64
N GLN B 99 -18.49 11.64 -18.86
CA GLN B 99 -18.33 11.39 -17.45
C GLN B 99 -17.74 10.00 -17.24
N LEU B 100 -16.75 9.89 -16.36
CA LEU B 100 -16.04 8.64 -16.11
C LEU B 100 -16.33 8.14 -14.69
N PRO B 101 -16.18 6.82 -14.45
CA PRO B 101 -15.91 5.73 -15.41
C PRO B 101 -17.14 5.34 -16.25
N LEU B 102 -16.95 4.86 -17.47
CA LEU B 102 -18.07 4.34 -18.26
C LEU B 102 -18.62 3.09 -17.61
N ASP B 103 -19.93 3.08 -17.36
CA ASP B 103 -20.58 1.94 -16.74
C ASP B 103 -21.33 1.17 -17.83
N SER B 104 -20.60 0.33 -18.57
CA SER B 104 -21.18 -0.52 -19.61
C SER B 104 -20.97 -1.98 -19.27
N GLU B 105 -21.96 -2.83 -19.58
CA GLU B 105 -21.72 -4.26 -19.46
C GLU B 105 -20.74 -4.74 -20.52
N ASN B 106 -20.67 -4.04 -21.65
CA ASN B 106 -19.76 -4.39 -22.72
C ASN B 106 -18.35 -3.90 -22.40
N SER B 107 -17.42 -4.29 -23.24
CA SER B 107 -16.02 -3.94 -23.10
C SER B 107 -15.74 -2.74 -23.98
N ILE B 108 -15.48 -1.58 -23.38
CA ILE B 108 -15.27 -0.36 -24.14
C ILE B 108 -13.92 0.23 -23.76
N ASN B 109 -13.12 0.52 -24.78
CA ASN B 109 -11.81 1.14 -24.58
C ASN B 109 -12.02 2.58 -24.16
N THR B 110 -11.93 2.86 -22.85
CA THR B 110 -12.08 4.22 -22.36
C THR B 110 -11.11 5.15 -23.08
N GLU B 111 -9.83 4.75 -23.17
CA GLU B 111 -8.81 5.61 -23.74
C GLU B 111 -9.13 5.93 -25.19
N GLU B 112 -9.58 4.93 -25.95
CA GLU B 112 -9.99 5.20 -27.32
C GLU B 112 -11.12 6.22 -27.38
N VAL B 113 -12.12 6.08 -26.50
CA VAL B 113 -13.28 6.97 -26.53
C VAL B 113 -12.85 8.40 -26.21
N ILE B 114 -12.12 8.57 -25.12
CA ILE B 114 -11.75 9.90 -24.67
C ILE B 114 -10.87 10.58 -25.70
N ASN B 115 -10.00 9.82 -26.37
CA ASN B 115 -9.02 10.39 -27.28
C ASN B 115 -9.63 10.74 -28.64
N ALA B 116 -10.84 10.27 -28.92
CA ALA B 116 -11.62 10.72 -30.07
C ALA B 116 -12.24 12.10 -29.87
N ILE B 117 -12.26 12.62 -28.64
CA ILE B 117 -12.74 13.99 -28.41
C ILE B 117 -11.78 14.97 -29.06
N ALA B 118 -12.30 15.92 -29.83
CA ALA B 118 -11.44 16.93 -30.45
C ALA B 118 -10.88 17.86 -29.39
N PRO B 119 -9.56 18.10 -29.37
CA PRO B 119 -8.94 18.79 -28.22
C PRO B 119 -9.43 20.22 -27.97
N GLU B 120 -10.01 20.87 -28.98
CA GLU B 120 -10.53 22.21 -28.81
C GLU B 120 -11.81 22.22 -27.99
N LYS B 121 -12.56 21.12 -28.00
CA LYS B 121 -13.74 20.97 -27.16
C LYS B 121 -13.47 20.21 -25.86
N ASP B 122 -12.24 19.74 -25.62
CA ASP B 122 -11.95 18.83 -24.50
C ASP B 122 -11.86 19.64 -23.20
N VAL B 123 -13.04 20.04 -22.70
CA VAL B 123 -13.04 20.91 -21.53
C VAL B 123 -12.58 20.20 -20.26
N ASP B 124 -12.62 18.86 -20.25
CA ASP B 124 -12.12 18.08 -19.12
C ASP B 124 -10.62 17.81 -19.18
N GLY B 125 -9.97 18.19 -20.29
CA GLY B 125 -8.53 18.00 -20.41
C GLY B 125 -8.10 16.56 -20.42
N LEU B 126 -8.93 15.66 -20.95
CA LEU B 126 -8.64 14.24 -20.81
C LEU B 126 -8.08 13.60 -22.08
N THR B 127 -7.86 14.36 -23.16
CA THR B 127 -7.15 13.78 -24.28
C THR B 127 -5.64 13.70 -24.00
N SER B 128 -5.01 12.71 -24.61
CA SER B 128 -3.56 12.62 -24.62
C SER B 128 -2.95 13.92 -25.07
N ILE B 129 -3.51 14.50 -26.13
CA ILE B 129 -3.04 15.78 -26.67
C ILE B 129 -2.95 16.84 -25.58
N ASN B 130 -4.07 17.14 -24.92
CA ASN B 130 -4.06 18.12 -23.83
C ASN B 130 -3.19 17.65 -22.67
N ALA B 131 -3.25 16.37 -22.32
CA ALA B 131 -2.42 15.90 -21.21
C ALA B 131 -0.93 16.02 -21.54
N GLY B 132 -0.56 15.76 -22.79
CA GLY B 132 0.85 15.87 -23.18
C GLY B 132 1.40 17.28 -23.09
N ARG B 133 0.57 18.29 -23.39
CA ARG B 133 1.02 19.67 -23.28
C ARG B 133 1.22 20.05 -21.82
N LEU B 134 0.24 19.71 -20.97
CA LEU B 134 0.40 20.03 -19.55
C LEU B 134 1.56 19.25 -18.95
N ALA B 135 1.75 18.00 -19.38
CA ALA B 135 2.84 17.21 -18.82
C ALA B 135 4.21 17.70 -19.26
N ARG B 136 4.28 18.61 -20.22
CA ARG B 136 5.57 19.13 -20.64
C ARG B 136 5.68 20.63 -20.38
N GLY B 137 4.74 21.20 -19.62
CA GLY B 137 4.81 22.61 -19.29
C GLY B 137 4.45 23.56 -20.40
N ASP B 138 3.57 23.14 -21.31
CA ASP B 138 2.94 24.05 -22.28
C ASP B 138 1.53 24.38 -21.79
N LEU B 139 1.48 25.27 -20.79
CA LEU B 139 0.29 25.47 -19.98
C LEU B 139 -0.69 26.51 -20.51
N ASN B 140 -0.31 27.22 -21.57
CA ASN B 140 -1.20 28.33 -22.02
C ASN B 140 -1.73 28.02 -23.41
N ASP B 141 -2.10 26.76 -23.64
CA ASP B 141 -2.65 26.35 -24.96
C ASP B 141 -3.35 24.99 -24.78
N CYS B 142 -3.58 24.57 -23.54
CA CYS B 142 -4.28 23.33 -23.27
C CYS B 142 -5.35 23.53 -22.21
N PHE B 143 -6.33 22.64 -22.24
CA PHE B 143 -7.31 22.55 -21.17
C PHE B 143 -6.76 21.67 -20.04
N ILE B 144 -6.87 22.15 -18.82
CA ILE B 144 -6.29 21.51 -17.64
C ILE B 144 -7.42 20.84 -16.86
N PRO B 145 -7.25 19.60 -16.40
CA PRO B 145 -8.37 18.89 -15.78
C PRO B 145 -8.96 19.67 -14.61
N CYS B 146 -10.29 19.61 -14.50
CA CYS B 146 -11.05 20.53 -13.66
C CYS B 146 -10.69 20.39 -12.18
N THR B 147 -10.57 19.17 -11.66
CA THR B 147 -10.23 19.02 -10.25
C THR B 147 -8.86 19.59 -9.94
N PRO B 148 -7.79 19.29 -10.71
CA PRO B 148 -6.51 19.97 -10.45
C PRO B 148 -6.58 21.49 -10.55
N LYS B 149 -7.33 22.02 -11.52
CA LYS B 149 -7.53 23.48 -11.60
C LYS B 149 -8.13 24.00 -10.31
N GLY B 150 -9.15 23.32 -9.80
CA GLY B 150 -9.76 23.77 -8.55
C GLY B 150 -8.78 23.76 -7.41
N CYS B 151 -7.92 22.74 -7.35
CA CYS B 151 -6.98 22.59 -6.24
C CYS B 151 -5.95 23.70 -6.21
N LEU B 152 -5.33 24.00 -7.36
CA LEU B 152 -4.39 25.11 -7.44
C LEU B 152 -5.03 26.39 -6.91
N GLU B 153 -6.28 26.64 -7.30
CA GLU B 153 -6.95 27.86 -6.88
C GLU B 153 -7.07 27.94 -5.37
N LEU B 154 -7.49 26.84 -4.75
CA LEU B 154 -7.52 26.73 -3.28
C LEU B 154 -6.13 27.01 -2.68
N ILE B 155 -5.08 26.50 -3.31
CA ILE B 155 -3.72 26.73 -2.80
C ILE B 155 -3.36 28.21 -2.86
N LYS B 156 -3.71 28.88 -3.97
CA LYS B 156 -3.35 30.29 -4.14
C LYS B 156 -4.06 31.19 -3.13
N GLU B 157 -5.27 30.80 -2.73
CA GLU B 157 -6.07 31.54 -1.76
C GLU B 157 -5.45 31.59 -0.37
N THR B 158 -4.44 30.75 -0.08
CA THR B 158 -3.74 30.86 1.19
C THR B 158 -2.75 32.01 1.21
N GLY B 159 -2.44 32.56 0.05
CA GLY B 159 -1.37 33.53 -0.07
C GLY B 159 0.02 32.94 -0.04
N VAL B 160 0.16 31.68 0.37
CA VAL B 160 1.47 31.06 0.46
C VAL B 160 1.97 30.82 -0.95
N PRO B 161 3.06 31.45 -1.38
CA PRO B 161 3.62 31.13 -2.69
C PRO B 161 3.98 29.66 -2.78
N ILE B 162 3.75 29.09 -3.96
CA ILE B 162 4.04 27.69 -4.20
C ILE B 162 5.53 27.48 -4.46
N ALA B 163 6.15 28.38 -5.22
CA ALA B 163 7.50 28.13 -5.72
C ALA B 163 8.48 27.90 -4.59
N GLY B 164 9.21 26.80 -4.67
CA GLY B 164 10.16 26.40 -3.64
C GLY B 164 9.62 25.41 -2.61
N ARG B 165 8.32 25.16 -2.60
CA ARG B 165 7.70 24.30 -1.61
C ARG B 165 7.71 22.84 -2.08
N HIS B 166 7.72 21.92 -1.13
CA HIS B 166 7.66 20.51 -1.47
C HIS B 166 6.22 20.05 -1.43
N ALA B 167 5.67 19.69 -2.58
CA ALA B 167 4.33 19.15 -2.67
C ALA B 167 4.40 17.64 -2.72
N VAL B 168 3.52 17.00 -1.96
CA VAL B 168 3.23 15.58 -2.09
C VAL B 168 1.85 15.42 -2.69
N VAL B 169 1.76 14.62 -3.74
CA VAL B 169 0.51 14.21 -4.35
C VAL B 169 0.36 12.73 -4.11
N VAL B 170 -0.77 12.31 -3.55
CA VAL B 170 -1.02 10.91 -3.20
C VAL B 170 -2.13 10.42 -4.11
N GLY B 171 -1.80 9.54 -5.05
CA GLY B 171 -2.68 9.15 -6.15
C GLY B 171 -2.14 9.64 -7.49
N ARG B 172 -2.29 8.80 -8.52
CA ARG B 172 -1.80 9.09 -9.87
C ARG B 172 -2.85 8.84 -10.94
N SER B 173 -4.12 9.09 -10.63
CA SER B 173 -5.20 8.88 -11.59
C SER B 173 -5.09 9.84 -12.77
N LYS B 174 -5.70 9.42 -13.89
CA LYS B 174 -5.72 10.21 -15.12
C LYS B 174 -6.39 11.56 -14.90
N ILE B 175 -7.50 11.56 -14.17
CA ILE B 175 -8.31 12.76 -14.09
C ILE B 175 -7.80 13.71 -13.02
N VAL B 176 -7.13 13.19 -11.98
CA VAL B 176 -6.75 14.01 -10.83
C VAL B 176 -5.26 13.97 -10.46
N GLY B 177 -4.78 12.81 -10.00
CA GLY B 177 -3.46 12.76 -9.36
C GLY B 177 -2.33 13.11 -10.32
N ALA B 178 -2.35 12.51 -11.51
CA ALA B 178 -1.24 12.72 -12.44
C ALA B 178 -1.23 14.13 -12.98
N PRO B 179 -2.34 14.68 -13.52
CA PRO B 179 -2.29 16.11 -13.89
C PRO B 179 -2.05 17.03 -12.71
N MET B 180 -2.46 16.65 -11.50
CA MET B 180 -2.17 17.51 -10.36
C MET B 180 -0.67 17.63 -10.12
N HIS B 181 0.10 16.55 -10.38
CA HIS B 181 1.55 16.64 -10.26
C HIS B 181 2.13 17.59 -11.30
N ASP B 182 1.64 17.52 -12.54
CA ASP B 182 2.10 18.41 -13.60
C ASP B 182 1.82 19.87 -13.28
N LEU B 183 0.63 20.17 -12.73
CA LEU B 183 0.28 21.55 -12.43
C LEU B 183 1.19 22.14 -11.36
N LEU B 184 1.47 21.35 -10.31
CA LEU B 184 2.30 21.84 -9.23
C LEU B 184 3.75 21.99 -9.68
N LEU B 185 4.22 21.10 -10.56
CA LEU B 185 5.61 21.16 -11.01
C LEU B 185 5.88 22.43 -11.80
N TRP B 186 5.05 22.72 -12.80
CA TRP B 186 5.18 23.97 -13.55
C TRP B 186 4.77 25.21 -12.75
N ASN B 187 4.18 25.04 -11.56
CA ASN B 187 4.11 26.14 -10.62
C ASN B 187 5.32 26.19 -9.67
N ASN B 188 6.42 25.50 -10.07
CA ASN B 188 7.76 25.52 -9.46
C ASN B 188 7.79 24.99 -8.03
N ALA B 189 6.84 24.15 -7.65
CA ALA B 189 7.08 23.29 -6.51
C ALA B 189 7.97 22.12 -6.91
N THR B 190 8.70 21.61 -5.92
CA THR B 190 9.35 20.29 -5.99
C THR B 190 8.31 19.23 -5.63
N VAL B 191 7.96 18.35 -6.56
CA VAL B 191 6.82 17.47 -6.42
C VAL B 191 7.29 16.03 -6.23
N THR B 192 6.70 15.36 -5.23
CA THR B 192 6.82 13.92 -5.01
C THR B 192 5.44 13.29 -5.21
N THR B 193 5.37 12.28 -6.05
CA THR B 193 4.14 11.57 -6.36
C THR B 193 4.18 10.20 -5.68
N CYS B 194 3.14 9.88 -4.89
CA CYS B 194 3.00 8.60 -4.20
C CYS B 194 1.79 7.86 -4.74
N HIS B 195 1.70 6.56 -4.43
CA HIS B 195 0.63 5.70 -4.96
C HIS B 195 0.57 4.44 -4.11
N SER B 196 -0.15 3.43 -4.60
CA SER B 196 -0.38 2.23 -3.81
C SER B 196 0.84 1.30 -3.71
N LYS B 197 1.91 1.55 -4.45
CA LYS B 197 3.12 0.78 -4.24
C LYS B 197 4.15 1.56 -3.42
N THR B 198 3.81 2.76 -2.96
CA THR B 198 4.73 3.56 -2.16
C THR B 198 4.93 2.91 -0.80
N ALA B 199 6.19 2.69 -0.43
CA ALA B 199 6.49 2.22 0.91
C ALA B 199 6.60 3.41 1.85
N HIS B 200 6.28 3.18 3.13
CA HIS B 200 6.42 4.19 4.16
C HIS B 200 5.69 5.47 3.78
N LEU B 201 4.47 5.31 3.28
CA LEU B 201 3.66 6.46 2.86
C LEU B 201 3.66 7.55 3.90
N ASP B 202 3.58 7.16 5.18
CA ASP B 202 3.41 8.14 6.25
C ASP B 202 4.56 9.14 6.29
N GLU B 203 5.78 8.63 6.12
CA GLU B 203 6.97 9.49 6.12
C GLU B 203 7.07 10.33 4.86
N GLU B 204 6.61 9.80 3.72
CA GLU B 204 6.55 10.60 2.51
C GLU B 204 5.55 11.74 2.66
N VAL B 205 4.37 11.44 3.21
CA VAL B 205 3.37 12.48 3.40
C VAL B 205 3.92 13.59 4.29
N ASN B 206 4.77 13.23 5.25
CA ASN B 206 5.30 14.19 6.23
C ASN B 206 6.26 15.20 5.62
N LYS B 207 6.77 14.96 4.42
CA LYS B 207 7.59 15.99 3.79
C LYS B 207 6.75 17.06 3.14
N GLY B 208 5.44 16.88 3.06
CA GLY B 208 4.63 17.79 2.28
C GLY B 208 4.32 19.15 2.89
N ASP B 209 4.99 20.20 2.39
CA ASP B 209 4.51 21.58 2.58
C ASP B 209 3.14 21.77 1.93
N ILE B 210 2.93 21.17 0.77
CA ILE B 210 1.64 21.10 0.11
C ILE B 210 1.29 19.63 0.03
N LEU B 211 0.04 19.29 0.32
CA LEU B 211 -0.39 17.89 0.34
C LEU B 211 -1.74 17.79 -0.36
N VAL B 212 -1.77 17.10 -1.50
CA VAL B 212 -3.00 16.85 -2.23
C VAL B 212 -3.26 15.34 -2.23
N VAL B 213 -4.37 14.91 -1.63
CA VAL B 213 -4.69 13.49 -1.48
C VAL B 213 -5.87 13.15 -2.38
N ALA B 214 -5.63 12.29 -3.37
CA ALA B 214 -6.70 11.77 -4.23
C ALA B 214 -6.52 10.25 -4.34
N THR B 215 -6.93 9.53 -3.28
CA THR B 215 -6.80 8.08 -3.17
C THR B 215 -8.14 7.35 -3.21
N GLY B 216 -9.24 8.03 -2.85
CA GLY B 216 -10.50 7.33 -2.74
C GLY B 216 -10.50 6.25 -1.67
N GLN B 217 -9.63 6.38 -0.66
CA GLN B 217 -9.62 5.51 0.50
C GLN B 217 -10.08 6.36 1.67
N PRO B 218 -11.22 6.06 2.29
CA PRO B 218 -11.85 6.99 3.24
C PRO B 218 -10.99 7.22 4.48
N GLU B 219 -10.56 8.47 4.69
CA GLU B 219 -9.81 8.87 5.89
C GLU B 219 -8.55 8.04 6.08
N MET B 220 -7.90 7.62 4.98
CA MET B 220 -6.74 6.74 5.11
C MET B 220 -5.48 7.50 5.52
N VAL B 221 -5.40 8.78 5.18
CA VAL B 221 -4.23 9.61 5.47
C VAL B 221 -4.46 10.24 6.84
N LYS B 222 -3.62 9.86 7.82
CA LYS B 222 -3.85 10.26 9.20
C LYS B 222 -3.23 11.63 9.47
N GLY B 223 -3.72 12.28 10.53
CA GLY B 223 -3.30 13.64 10.80
C GLY B 223 -1.88 13.72 11.32
N GLU B 224 -1.42 12.67 12.01
CA GLU B 224 -0.07 12.64 12.52
C GLU B 224 0.95 12.70 11.40
N TRP B 225 0.58 12.23 10.20
CA TRP B 225 1.45 12.17 9.04
C TRP B 225 1.74 13.54 8.47
N ILE B 226 0.82 14.48 8.67
CA ILE B 226 0.94 15.84 8.12
C ILE B 226 2.14 16.57 8.72
N LYS B 227 2.85 17.24 7.84
CA LYS B 227 3.85 18.17 8.28
C LYS B 227 3.13 19.30 9.03
N PRO B 228 3.60 19.66 10.22
CA PRO B 228 3.04 20.84 10.90
C PRO B 228 3.05 22.06 9.98
N GLY B 229 1.93 22.77 9.95
CA GLY B 229 1.80 23.98 9.14
C GLY B 229 1.57 23.76 7.66
N ALA B 230 1.20 22.55 7.25
CA ALA B 230 1.07 22.22 5.85
C ALA B 230 -0.28 22.64 5.30
N ILE B 231 -0.29 22.96 4.00
CA ILE B 231 -1.53 23.14 3.23
C ILE B 231 -2.01 21.77 2.79
N VAL B 232 -3.19 21.36 3.28
CA VAL B 232 -3.79 20.06 2.98
C VAL B 232 -4.96 20.27 2.04
N ILE B 233 -4.98 19.52 0.94
CA ILE B 233 -6.05 19.52 -0.05
C ILE B 233 -6.61 18.12 -0.16
N ASP B 234 -7.90 17.95 0.18
CA ASP B 234 -8.56 16.63 0.24
C ASP B 234 -9.60 16.50 -0.88
N CYS B 235 -9.25 15.74 -1.94
CA CYS B 235 -10.14 15.48 -3.07
C CYS B 235 -11.12 14.36 -2.81
N GLY B 236 -11.03 13.70 -1.67
CA GLY B 236 -11.85 12.54 -1.42
C GLY B 236 -13.32 12.91 -1.33
N ILE B 237 -14.15 12.02 -1.84
CA ILE B 237 -15.59 12.02 -1.62
C ILE B 237 -15.93 10.56 -1.36
N ASN B 238 -16.16 10.21 -0.11
CA ASN B 238 -16.36 8.82 0.27
C ASN B 238 -17.64 8.68 1.08
N TYR B 239 -18.50 7.71 0.70
CA TYR B 239 -19.78 7.48 1.38
C TYR B 239 -19.63 6.32 2.36
N VAL B 240 -19.79 6.61 3.66
CA VAL B 240 -19.50 5.63 4.71
C VAL B 240 -20.65 5.65 5.70
N PRO B 241 -20.72 4.69 6.64
CA PRO B 241 -21.65 4.83 7.78
C PRO B 241 -21.27 5.99 8.71
N LYS B 250 -23.09 9.20 5.64
CA LYS B 250 -22.28 10.42 5.65
C LYS B 250 -21.16 10.42 4.61
N VAL B 251 -20.56 11.60 4.41
CA VAL B 251 -19.55 11.82 3.38
C VAL B 251 -18.25 12.20 4.06
N VAL B 252 -17.19 11.43 3.79
CA VAL B 252 -15.87 11.77 4.31
C VAL B 252 -14.90 11.91 3.15
N GLY B 253 -13.78 12.59 3.42
CA GLY B 253 -12.71 12.74 2.46
C GLY B 253 -11.63 11.68 2.67
N ASP B 254 -10.54 11.86 1.95
CA ASP B 254 -9.45 10.89 2.02
C ASP B 254 -8.52 11.15 3.19
N VAL B 255 -8.70 12.27 3.89
CA VAL B 255 -7.92 12.62 5.05
C VAL B 255 -8.80 12.54 6.29
N ALA B 256 -8.25 11.99 7.37
CA ALA B 256 -8.93 12.06 8.67
C ALA B 256 -8.94 13.52 9.08
N TYR B 257 -10.08 14.16 8.85
CA TYR B 257 -10.18 15.63 8.88
C TYR B 257 -9.93 16.19 10.28
N ASP B 258 -10.42 15.52 11.32
CA ASP B 258 -10.42 16.12 12.65
C ASP B 258 -9.00 16.31 13.17
N GLU B 259 -8.15 15.30 13.01
CA GLU B 259 -6.78 15.38 13.50
C GLU B 259 -5.88 16.16 12.54
N ALA B 260 -6.21 16.17 11.26
CA ALA B 260 -5.41 16.89 10.27
C ALA B 260 -5.55 18.39 10.44
N LYS B 261 -6.76 18.86 10.75
CA LYS B 261 -6.99 20.28 11.01
C LYS B 261 -6.17 20.76 12.20
N GLU B 262 -5.69 19.86 13.04
CA GLU B 262 -4.84 20.26 14.15
C GLU B 262 -3.41 20.59 13.75
N ARG B 263 -2.92 20.01 12.66
CA ARG B 263 -1.55 20.29 12.22
C ARG B 263 -1.47 21.10 10.94
N ALA B 264 -2.49 21.06 10.11
CA ALA B 264 -2.50 21.88 8.92
C ALA B 264 -2.54 23.36 9.29
N SER B 265 -2.05 24.19 8.38
CA SER B 265 -2.27 25.63 8.43
C SER B 265 -3.45 26.06 7.58
N PHE B 266 -3.77 25.29 6.55
CA PHE B 266 -4.95 25.46 5.73
C PHE B 266 -5.45 24.08 5.35
N ILE B 267 -6.77 23.86 5.43
CA ILE B 267 -7.34 22.56 5.11
C ILE B 267 -8.67 22.73 4.40
N THR B 268 -9.00 21.76 3.56
CA THR B 268 -10.26 21.71 2.84
C THR B 268 -11.20 20.76 3.54
N PRO B 269 -12.40 21.21 3.94
CA PRO B 269 -13.41 20.29 4.47
C PRO B 269 -14.01 19.46 3.35
N VAL B 270 -14.61 18.34 3.74
CA VAL B 270 -15.33 17.48 2.83
C VAL B 270 -16.68 17.15 3.46
N PRO B 271 -17.79 17.48 2.82
CA PRO B 271 -17.91 18.12 1.49
C PRO B 271 -17.70 19.64 1.57
N GLY B 272 -17.83 20.37 0.47
CA GLY B 272 -17.68 21.82 0.46
C GLY B 272 -16.28 22.35 0.24
N GLY B 273 -15.35 21.50 -0.20
CA GLY B 273 -13.99 21.91 -0.46
C GLY B 273 -13.66 21.85 -1.94
N VAL B 274 -12.99 20.78 -2.36
CA VAL B 274 -12.56 20.64 -3.75
C VAL B 274 -13.75 20.56 -4.69
N GLY B 275 -14.76 19.78 -4.31
CA GLY B 275 -15.83 19.41 -5.20
C GLY B 275 -16.57 20.55 -5.90
N PRO B 276 -17.05 21.55 -5.14
CA PRO B 276 -17.63 22.72 -5.82
C PRO B 276 -16.64 23.43 -6.72
N MET B 277 -15.36 23.44 -6.33
CA MET B 277 -14.33 24.08 -7.14
C MET B 277 -14.11 23.31 -8.43
N THR B 278 -14.21 21.97 -8.37
CA THR B 278 -14.19 21.17 -9.58
C THR B 278 -15.26 21.66 -10.55
N VAL B 279 -16.47 21.85 -10.04
CA VAL B 279 -17.59 22.17 -10.93
C VAL B 279 -17.38 23.53 -11.55
N ALA B 280 -16.93 24.49 -10.75
CA ALA B 280 -16.73 25.85 -11.22
C ALA B 280 -15.67 25.90 -12.31
N MET B 281 -14.57 25.16 -12.13
CA MET B 281 -13.48 25.19 -13.12
C MET B 281 -13.92 24.57 -14.45
N LEU B 282 -14.81 23.59 -14.40
CA LEU B 282 -15.41 23.10 -15.63
C LEU B 282 -16.16 24.24 -16.33
N MET B 283 -16.95 25.01 -15.57
CA MET B 283 -17.69 26.13 -16.15
C MET B 283 -16.74 27.17 -16.74
N GLN B 284 -15.67 27.48 -16.02
CA GLN B 284 -14.66 28.41 -16.54
C GLN B 284 -14.08 27.91 -17.85
N SER B 285 -13.73 26.62 -17.93
CA SER B 285 -13.14 26.11 -19.17
C SER B 285 -14.17 26.13 -20.30
N THR B 286 -15.44 26.00 -19.98
CA THR B 286 -16.40 26.03 -21.07
C THR B 286 -16.60 27.46 -21.58
N VAL B 287 -16.62 28.44 -20.68
CA VAL B 287 -16.65 29.83 -21.15
C VAL B 287 -15.41 30.13 -21.97
N GLU B 288 -14.24 29.67 -21.53
CA GLU B 288 -13.02 29.94 -22.28
C GLU B 288 -13.09 29.38 -23.70
N SER B 289 -13.52 28.13 -23.84
CA SER B 289 -13.66 27.56 -25.18
C SER B 289 -14.77 28.21 -25.99
N ALA B 290 -15.78 28.79 -25.31
CA ALA B 290 -16.80 29.52 -26.04
C ALA B 290 -16.22 30.79 -26.62
N LYS B 291 -15.47 31.52 -25.79
CA LYS B 291 -14.71 32.67 -26.29
C LYS B 291 -13.79 32.26 -27.43
N ARG B 292 -12.99 31.20 -27.24
CA ARG B 292 -12.01 30.82 -28.26
C ARG B 292 -12.69 30.50 -29.59
N PHE B 293 -13.95 30.08 -29.54
CA PHE B 293 -14.70 29.85 -30.76
C PHE B 293 -14.96 31.15 -31.51
N LEU B 294 -15.46 32.16 -30.78
CA LEU B 294 -15.74 33.48 -31.38
C LEU B 294 -14.51 34.06 -32.07
N GLU B 295 -13.39 34.12 -31.34
CA GLU B 295 -12.13 34.53 -31.92
C GLU B 295 -11.64 33.50 -32.94
N PRO C 2 25.13 -23.55 -2.88
CA PRO C 2 23.87 -22.84 -3.11
C PRO C 2 22.70 -23.60 -2.49
N ALA C 3 21.67 -22.90 -2.02
CA ALA C 3 20.67 -23.54 -1.18
C ALA C 3 19.82 -24.56 -1.95
N GLU C 4 19.35 -25.57 -1.23
CA GLU C 4 18.37 -26.46 -1.80
C GLU C 4 17.07 -25.70 -2.09
N ILE C 5 16.42 -26.08 -3.17
CA ILE C 5 15.16 -25.46 -3.58
C ILE C 5 14.02 -26.23 -2.91
N LEU C 6 13.18 -25.53 -2.18
CA LEU C 6 11.94 -26.13 -1.67
C LEU C 6 10.93 -26.02 -2.80
N ASN C 7 10.74 -27.11 -3.53
CA ASN C 7 9.87 -27.09 -4.70
C ASN C 7 8.40 -27.14 -4.27
N GLY C 8 7.85 -25.97 -3.99
CA GLY C 8 6.44 -25.89 -3.63
C GLY C 8 5.49 -26.47 -4.66
N LYS C 9 5.84 -26.39 -5.95
CA LYS C 9 4.96 -26.97 -6.96
C LYS C 9 4.91 -28.48 -6.81
N GLU C 10 6.06 -29.12 -6.52
CA GLU C 10 6.09 -30.57 -6.49
C GLU C 10 5.51 -31.14 -5.20
N ILE C 11 5.81 -30.51 -4.07
CA ILE C 11 5.26 -30.96 -2.78
C ILE C 11 3.75 -30.81 -2.76
N SER C 12 3.23 -29.72 -3.32
CA SER C 12 1.79 -29.53 -3.33
C SER C 12 1.08 -30.58 -4.19
N ALA C 13 1.70 -31.02 -5.29
CA ALA C 13 1.07 -32.09 -6.06
C ALA C 13 1.03 -33.40 -5.26
N GLN C 14 1.98 -33.60 -4.34
CA GLN C 14 1.90 -34.74 -3.43
C GLN C 14 0.72 -34.59 -2.48
N ILE C 15 0.52 -33.39 -1.95
CA ILE C 15 -0.58 -33.15 -1.04
C ILE C 15 -1.91 -33.35 -1.75
N ARG C 16 -2.05 -32.78 -2.95
CA ARG C 16 -3.30 -32.91 -3.69
C ARG C 16 -3.60 -34.37 -4.06
N ALA C 17 -2.57 -35.15 -4.39
CA ALA C 17 -2.78 -36.56 -4.74
C ALA C 17 -3.32 -37.34 -3.55
N ARG C 18 -2.72 -37.15 -2.38
CA ARG C 18 -3.22 -37.83 -1.18
C ARG C 18 -4.65 -37.43 -0.87
N LEU C 19 -4.97 -36.14 -0.99
CA LEU C 19 -6.34 -35.69 -0.79
C LEU C 19 -7.29 -36.31 -1.80
N LYS C 20 -6.85 -36.46 -3.06
CA LYS C 20 -7.74 -36.96 -4.10
C LYS C 20 -8.20 -38.37 -3.78
N ASN C 21 -7.25 -39.28 -3.52
CA ASN C 21 -7.61 -40.61 -3.08
C ASN C 21 -8.36 -40.57 -1.76
N GLN C 22 -8.00 -39.62 -0.89
CA GLN C 22 -8.71 -39.48 0.38
C GLN C 22 -10.17 -39.12 0.16
N VAL C 23 -10.49 -38.42 -0.93
CA VAL C 23 -11.87 -38.07 -1.28
C VAL C 23 -12.56 -39.18 -2.06
N THR C 24 -11.82 -39.88 -2.93
CA THR C 24 -12.40 -41.02 -3.65
C THR C 24 -12.83 -42.12 -2.70
N GLN C 25 -12.13 -42.28 -1.57
CA GLN C 25 -12.54 -43.25 -0.56
C GLN C 25 -13.86 -42.83 0.10
N LEU C 26 -14.01 -41.54 0.41
CA LEU C 26 -15.22 -41.08 1.08
C LEU C 26 -16.45 -41.31 0.24
N LYS C 27 -16.31 -41.17 -1.09
CA LYS C 27 -17.42 -41.41 -1.99
C LYS C 27 -17.67 -42.90 -2.22
N GLU C 28 -16.70 -43.76 -1.91
CA GLU C 28 -16.98 -45.19 -1.86
C GLU C 28 -17.64 -45.56 -0.55
N GLN C 29 -17.13 -45.05 0.58
CA GLN C 29 -17.64 -45.47 1.88
C GLN C 29 -19.01 -44.87 2.17
N VAL C 30 -19.21 -43.59 1.84
CA VAL C 30 -20.47 -42.91 2.13
C VAL C 30 -21.04 -42.39 0.82
N PRO C 31 -21.81 -43.20 0.11
CA PRO C 31 -22.10 -42.89 -1.30
C PRO C 31 -22.99 -41.67 -1.44
N GLY C 32 -22.88 -41.03 -2.60
CA GLY C 32 -23.62 -39.81 -2.89
C GLY C 32 -23.07 -38.55 -2.27
N PHE C 33 -22.04 -38.65 -1.43
CA PHE C 33 -21.49 -37.53 -0.69
C PHE C 33 -20.34 -36.89 -1.45
N THR C 34 -20.21 -35.57 -1.32
CA THR C 34 -19.10 -34.86 -1.94
C THR C 34 -18.72 -33.63 -1.11
N PRO C 35 -17.44 -33.48 -0.79
CA PRO C 35 -16.98 -32.27 -0.08
C PRO C 35 -17.25 -31.01 -0.89
N ARG C 36 -17.74 -29.98 -0.22
CA ARG C 36 -18.27 -28.79 -0.89
C ARG C 36 -17.63 -27.54 -0.32
N LEU C 37 -16.84 -26.86 -1.16
CA LEU C 37 -16.28 -25.56 -0.84
C LEU C 37 -17.05 -24.49 -1.60
N ALA C 38 -17.21 -23.32 -0.96
CA ALA C 38 -17.76 -22.14 -1.62
C ALA C 38 -16.79 -20.99 -1.46
N ILE C 39 -16.61 -20.21 -2.52
CA ILE C 39 -15.78 -19.02 -2.48
C ILE C 39 -16.67 -17.83 -2.78
N LEU C 40 -16.60 -16.80 -1.96
CA LEU C 40 -17.39 -15.60 -2.12
C LEU C 40 -16.44 -14.45 -2.49
N GLN C 41 -16.69 -13.87 -3.67
CA GLN C 41 -15.95 -12.73 -4.19
C GLN C 41 -16.87 -11.52 -4.28
N VAL C 42 -16.38 -10.38 -3.85
CA VAL C 42 -17.06 -9.10 -4.07
C VAL C 42 -16.15 -8.29 -4.95
N GLY C 43 -16.59 -8.09 -6.19
CA GLY C 43 -15.82 -7.28 -7.13
C GLY C 43 -15.30 -8.08 -8.30
N ASN C 44 -14.36 -7.50 -9.02
CA ASN C 44 -13.73 -8.20 -10.17
C ASN C 44 -12.24 -7.87 -10.19
N ARG C 45 -11.57 -7.89 -9.04
CA ARG C 45 -10.13 -7.66 -9.04
C ARG C 45 -9.42 -8.75 -9.83
N ASP C 46 -8.43 -8.33 -10.64
CA ASP C 46 -7.72 -9.27 -11.51
C ASP C 46 -6.95 -10.32 -10.71
N ASP C 47 -6.22 -9.90 -9.67
CA ASP C 47 -5.50 -10.90 -8.88
C ASP C 47 -6.47 -11.83 -8.19
N SER C 48 -7.53 -11.29 -7.58
CA SER C 48 -8.57 -12.13 -7.00
C SER C 48 -9.13 -13.13 -8.00
N ASN C 49 -9.35 -12.70 -9.24
CA ASN C 49 -9.82 -13.67 -10.27
C ASN C 49 -8.71 -14.68 -10.55
N LEU C 50 -7.44 -14.27 -10.56
CA LEU C 50 -6.37 -15.27 -10.72
C LEU C 50 -6.41 -16.30 -9.59
N TYR C 51 -6.17 -15.85 -8.34
CA TYR C 51 -6.03 -16.76 -7.20
C TYR C 51 -7.27 -17.63 -7.00
N ILE C 52 -8.48 -17.06 -7.13
CA ILE C 52 -9.71 -17.87 -7.05
C ILE C 52 -9.72 -18.95 -8.12
N ASN C 53 -9.29 -18.63 -9.33
CA ASN C 53 -9.33 -19.66 -10.38
C ASN C 53 -8.30 -20.75 -10.14
N VAL C 54 -7.14 -20.44 -9.57
CA VAL C 54 -6.20 -21.49 -9.19
C VAL C 54 -6.82 -22.41 -8.14
N LYS C 55 -7.56 -21.83 -7.19
CA LYS C 55 -8.19 -22.65 -6.16
C LYS C 55 -9.24 -23.60 -6.77
N LEU C 56 -10.11 -23.08 -7.64
CA LEU C 56 -11.13 -23.94 -8.24
C LEU C 56 -10.49 -25.08 -9.04
N LYS C 57 -9.38 -24.77 -9.73
CA LYS C 57 -8.62 -25.82 -10.40
C LYS C 57 -8.21 -26.92 -9.43
N ALA C 58 -7.61 -26.54 -8.30
CA ALA C 58 -7.16 -27.56 -7.36
C ALA C 58 -8.34 -28.37 -6.83
N ALA C 59 -9.43 -27.69 -6.45
CA ALA C 59 -10.59 -28.39 -5.91
C ALA C 59 -11.12 -29.43 -6.90
N GLU C 60 -11.28 -29.03 -8.16
CA GLU C 60 -11.80 -29.93 -9.19
C GLU C 60 -10.83 -31.09 -9.48
N GLU C 61 -9.51 -30.85 -9.39
CA GLU C 61 -8.56 -31.94 -9.60
C GLU C 61 -8.67 -33.01 -8.51
N ILE C 62 -9.11 -32.63 -7.31
CA ILE C 62 -9.21 -33.56 -6.18
C ILE C 62 -10.57 -34.25 -6.12
N GLY C 63 -11.64 -33.57 -6.50
CA GLY C 63 -12.96 -34.13 -6.30
C GLY C 63 -13.80 -33.32 -5.35
N ILE C 64 -13.30 -32.16 -4.95
CA ILE C 64 -14.03 -31.22 -4.10
C ILE C 64 -14.91 -30.36 -4.99
N LYS C 65 -16.19 -30.30 -4.69
CA LYS C 65 -17.09 -29.41 -5.42
C LYS C 65 -16.91 -27.99 -4.89
N ALA C 66 -16.46 -27.09 -5.78
CA ALA C 66 -16.15 -25.71 -5.42
C ALA C 66 -17.03 -24.75 -6.21
N THR C 67 -17.63 -23.79 -5.49
CA THR C 67 -18.61 -22.85 -6.04
C THR C 67 -18.07 -21.43 -5.95
N HIS C 68 -17.86 -20.80 -7.11
CA HIS C 68 -17.52 -19.39 -7.13
C HIS C 68 -18.81 -18.59 -7.10
N ILE C 69 -18.98 -17.76 -6.08
CA ILE C 69 -20.11 -16.85 -5.98
C ILE C 69 -19.54 -15.45 -6.09
N LYS C 70 -19.70 -14.81 -7.25
CA LYS C 70 -19.13 -13.50 -7.52
C LYS C 70 -20.20 -12.41 -7.45
N LEU C 71 -19.97 -11.41 -6.61
CA LEU C 71 -20.92 -10.32 -6.50
C LEU C 71 -20.35 -9.03 -7.09
N PRO C 72 -21.22 -8.16 -7.63
CA PRO C 72 -20.72 -7.00 -8.37
C PRO C 72 -20.22 -5.90 -7.45
N ARG C 73 -19.44 -4.99 -8.05
CA ARG C 73 -18.80 -3.91 -7.31
C ARG C 73 -19.79 -3.07 -6.51
N THR C 74 -21.08 -3.19 -6.81
CA THR C 74 -22.09 -2.30 -6.25
C THR C 74 -22.89 -2.93 -5.11
N THR C 75 -22.49 -4.11 -4.64
CA THR C 75 -23.20 -4.73 -3.53
C THR C 75 -23.07 -3.92 -2.26
N THR C 76 -24.09 -4.02 -1.42
CA THR C 76 -24.04 -3.43 -0.10
C THR C 76 -23.53 -4.46 0.91
N GLU C 77 -23.21 -3.96 2.11
CA GLU C 77 -22.91 -4.87 3.22
C GLU C 77 -24.09 -5.78 3.53
N SER C 78 -25.30 -5.23 3.48
CA SER C 78 -26.51 -6.00 3.79
C SER C 78 -26.67 -7.19 2.86
N GLU C 79 -26.31 -7.01 1.59
CA GLU C 79 -26.47 -8.07 0.59
C GLU C 79 -25.43 -9.18 0.76
N VAL C 80 -24.21 -8.84 1.17
CA VAL C 80 -23.20 -9.86 1.43
C VAL C 80 -23.54 -10.66 2.70
N MET C 81 -23.94 -9.96 3.77
CA MET C 81 -24.40 -10.67 4.96
C MET C 81 -25.59 -11.58 4.64
N LYS C 82 -26.45 -11.17 3.71
CA LYS C 82 -27.49 -12.09 3.25
C LYS C 82 -26.87 -13.36 2.70
N TYR C 83 -25.76 -13.23 1.96
CA TYR C 83 -25.11 -14.42 1.38
C TYR C 83 -24.35 -15.24 2.42
N ILE C 84 -23.66 -14.57 3.33
CA ILE C 84 -22.86 -15.29 4.31
C ILE C 84 -23.75 -16.03 5.32
N THR C 85 -24.93 -15.48 5.62
CA THR C 85 -25.91 -16.23 6.40
C THR C 85 -26.41 -17.45 5.64
N SER C 86 -26.71 -17.29 4.34
CA SER C 86 -27.18 -18.41 3.53
C SER C 86 -26.14 -19.52 3.47
N LEU C 87 -24.86 -19.17 3.40
CA LEU C 87 -23.83 -20.21 3.39
C LEU C 87 -23.64 -20.83 4.76
N ASN C 88 -23.76 -20.03 5.82
CA ASN C 88 -23.68 -20.59 7.17
C ASN C 88 -24.72 -21.68 7.37
N GLU C 89 -25.93 -21.48 6.84
CA GLU C 89 -27.06 -22.37 7.12
C GLU C 89 -27.30 -23.41 6.04
N ASP C 90 -26.56 -23.36 4.93
CA ASP C 90 -26.66 -24.39 3.91
C ASP C 90 -25.79 -25.57 4.33
N SER C 91 -26.44 -26.68 4.67
CA SER C 91 -25.73 -27.85 5.19
C SER C 91 -24.85 -28.51 4.14
N THR C 92 -25.17 -28.35 2.85
CA THR C 92 -24.35 -28.98 1.82
C THR C 92 -22.97 -28.35 1.74
N VAL C 93 -22.78 -27.17 2.31
CA VAL C 93 -21.55 -26.41 2.18
C VAL C 93 -20.74 -26.56 3.46
N HIS C 94 -19.63 -27.30 3.38
CA HIS C 94 -18.81 -27.63 4.55
C HIS C 94 -17.73 -26.59 4.84
N GLY C 95 -17.43 -25.72 3.89
CA GLY C 95 -16.47 -24.65 4.12
C GLY C 95 -16.61 -23.56 3.09
N PHE C 96 -16.31 -22.33 3.51
CA PHE C 96 -16.31 -21.24 2.54
C PHE C 96 -15.41 -20.14 3.07
N LEU C 97 -14.94 -19.31 2.15
CA LEU C 97 -14.09 -18.18 2.46
C LEU C 97 -14.55 -16.99 1.65
N VAL C 98 -14.36 -15.82 2.21
CA VAL C 98 -14.48 -14.59 1.45
C VAL C 98 -13.10 -14.24 0.93
N GLN C 99 -12.94 -14.25 -0.40
CA GLN C 99 -11.68 -13.80 -0.97
C GLN C 99 -11.47 -12.33 -0.62
N LEU C 100 -10.27 -11.97 -0.20
CA LEU C 100 -9.94 -10.61 0.17
C LEU C 100 -8.92 -10.02 -0.80
N PRO C 101 -8.84 -8.67 -0.90
CA PRO C 101 -9.70 -7.67 -0.26
C PRO C 101 -11.02 -7.51 -1.01
N LEU C 102 -12.07 -6.98 -0.38
CA LEU C 102 -13.33 -6.78 -1.08
C LEU C 102 -13.22 -5.62 -2.05
N ASP C 103 -13.87 -5.75 -3.21
CA ASP C 103 -13.81 -4.75 -4.27
C ASP C 103 -15.21 -4.15 -4.40
N SER C 104 -15.38 -2.96 -3.83
CA SER C 104 -16.70 -2.37 -3.62
C SER C 104 -16.73 -0.95 -4.14
N GLU C 105 -17.93 -0.52 -4.56
CA GLU C 105 -18.20 0.90 -4.72
C GLU C 105 -18.55 1.55 -3.38
N ASN C 106 -19.13 0.76 -2.47
CA ASN C 106 -19.53 1.22 -1.14
C ASN C 106 -18.51 0.80 -0.10
N SER C 107 -18.67 1.33 1.11
CA SER C 107 -17.77 0.97 2.22
C SER C 107 -18.35 -0.24 2.96
N ILE C 108 -17.68 -1.38 2.82
CA ILE C 108 -18.07 -2.62 3.48
C ILE C 108 -17.05 -2.91 4.58
N ASN C 109 -17.51 -2.94 5.83
CA ASN C 109 -16.70 -3.20 7.01
C ASN C 109 -16.28 -4.66 6.99
N THR C 110 -15.03 -4.92 6.64
CA THR C 110 -14.60 -6.29 6.36
C THR C 110 -14.58 -7.15 7.61
N GLU C 111 -14.34 -6.55 8.79
CA GLU C 111 -14.38 -7.32 10.03
C GLU C 111 -15.76 -7.87 10.29
N GLU C 112 -16.81 -7.07 10.08
CA GLU C 112 -18.18 -7.57 10.26
C GLU C 112 -18.46 -8.71 9.30
N VAL C 113 -17.96 -8.61 8.07
CA VAL C 113 -18.25 -9.61 7.06
C VAL C 113 -17.53 -10.91 7.37
N ILE C 114 -16.27 -10.83 7.79
CA ILE C 114 -15.49 -12.03 8.04
C ILE C 114 -15.98 -12.72 9.31
N ASN C 115 -16.23 -11.93 10.35
CA ASN C 115 -16.60 -12.51 11.61
C ASN C 115 -18.04 -13.02 11.62
N ALA C 116 -18.74 -12.94 10.50
CA ALA C 116 -20.06 -13.55 10.38
C ALA C 116 -19.97 -15.03 9.99
N ILE C 117 -18.87 -15.45 9.36
CA ILE C 117 -18.71 -16.84 8.96
C ILE C 117 -18.76 -17.77 10.17
N ALA C 118 -19.41 -18.93 10.00
CA ALA C 118 -19.47 -19.92 11.07
C ALA C 118 -18.10 -20.54 11.29
N PRO C 119 -17.53 -20.47 12.50
CA PRO C 119 -16.14 -20.92 12.68
C PRO C 119 -15.88 -22.35 12.28
N GLU C 120 -16.90 -23.17 12.08
CA GLU C 120 -16.62 -24.52 11.62
C GLU C 120 -16.62 -24.61 10.11
N LYS C 121 -17.12 -23.58 9.44
CA LYS C 121 -17.04 -23.46 8.00
C LYS C 121 -15.84 -22.63 7.55
N ASP C 122 -15.12 -22.03 8.50
CA ASP C 122 -14.10 -21.01 8.21
C ASP C 122 -12.75 -21.64 7.88
N VAL C 123 -12.72 -22.33 6.74
CA VAL C 123 -11.54 -23.04 6.25
C VAL C 123 -10.33 -22.12 6.14
N ASP C 124 -10.56 -20.83 6.06
CA ASP C 124 -9.47 -19.88 5.83
C ASP C 124 -8.87 -19.32 7.11
N GLY C 125 -9.40 -19.65 8.28
CA GLY C 125 -8.83 -19.14 9.51
C GLY C 125 -8.89 -17.65 9.66
N LEU C 126 -9.86 -16.99 9.02
CA LEU C 126 -9.95 -15.53 9.12
C LEU C 126 -10.79 -15.02 10.31
N THR C 127 -11.62 -15.85 10.95
CA THR C 127 -12.48 -15.31 12.00
C THR C 127 -11.67 -14.95 13.24
N SER C 128 -12.21 -14.03 14.04
CA SER C 128 -11.57 -13.75 15.32
C SER C 128 -11.51 -15.01 16.18
N ILE C 129 -12.55 -15.84 16.14
CA ILE C 129 -12.57 -17.05 16.97
C ILE C 129 -11.40 -17.97 16.60
N ASN C 130 -11.21 -18.22 15.31
CA ASN C 130 -10.10 -19.09 14.91
C ASN C 130 -8.75 -18.44 15.19
N ALA C 131 -8.64 -17.13 15.01
CA ALA C 131 -7.38 -16.45 15.29
C ALA C 131 -7.05 -16.45 16.77
N GLY C 132 -8.05 -16.26 17.65
CA GLY C 132 -7.79 -16.29 19.07
C GLY C 132 -7.29 -17.64 19.53
N ARG C 133 -7.91 -18.71 19.02
CA ARG C 133 -7.47 -20.05 19.36
C ARG C 133 -6.04 -20.30 18.89
N LEU C 134 -5.71 -19.93 17.63
CA LEU C 134 -4.33 -20.08 17.15
C LEU C 134 -3.37 -19.21 17.95
N ALA C 135 -3.72 -17.96 18.19
CA ALA C 135 -2.79 -17.08 18.87
C ALA C 135 -2.56 -17.45 20.34
N ARG C 136 -3.38 -18.34 20.92
CA ARG C 136 -3.25 -18.68 22.34
C ARG C 136 -3.01 -20.15 22.60
N GLY C 137 -2.70 -20.94 21.58
CA GLY C 137 -2.18 -22.28 21.77
C GLY C 137 -3.07 -23.40 21.28
N ASP C 138 -4.36 -23.14 21.06
CA ASP C 138 -5.34 -24.22 20.84
C ASP C 138 -5.40 -24.60 19.36
N LEU C 139 -4.33 -25.27 18.91
CA LEU C 139 -4.16 -25.54 17.48
C LEU C 139 -5.15 -26.57 16.95
N ASN C 140 -5.62 -27.48 17.79
CA ASN C 140 -6.33 -28.65 17.32
C ASN C 140 -7.84 -28.44 17.19
N ASP C 141 -8.33 -27.27 17.57
CA ASP C 141 -9.73 -26.92 17.36
C ASP C 141 -9.84 -25.56 16.68
N CYS C 142 -8.94 -25.27 15.73
CA CYS C 142 -9.07 -24.04 14.97
C CYS C 142 -8.53 -24.26 13.57
N PHE C 143 -9.12 -23.54 12.62
CA PHE C 143 -8.65 -23.56 11.25
C PHE C 143 -7.47 -22.62 11.13
N ILE C 144 -6.36 -23.14 10.63
CA ILE C 144 -5.15 -22.32 10.55
C ILE C 144 -5.12 -21.67 9.17
N PRO C 145 -4.75 -20.39 9.06
CA PRO C 145 -4.68 -19.75 7.74
C PRO C 145 -3.75 -20.51 6.81
N CYS C 146 -4.14 -20.61 5.54
CA CYS C 146 -3.57 -21.60 4.64
C CYS C 146 -2.18 -21.24 4.15
N THR C 147 -1.79 -19.98 4.21
CA THR C 147 -0.42 -19.63 3.85
C THR C 147 0.55 -19.90 5.00
N PRO C 148 0.22 -19.56 6.25
CA PRO C 148 1.07 -20.08 7.34
C PRO C 148 1.14 -21.59 7.35
N LYS C 149 0.05 -22.29 7.02
CA LYS C 149 0.10 -23.74 6.95
C LYS C 149 1.13 -24.19 5.93
N GLY C 150 1.04 -23.69 4.70
CA GLY C 150 1.99 -24.09 3.67
C GLY C 150 3.43 -23.75 4.01
N CYS C 151 3.65 -22.59 4.65
CA CYS C 151 5.00 -22.24 5.08
C CYS C 151 5.56 -23.27 6.07
N LEU C 152 4.77 -23.60 7.11
CA LEU C 152 5.18 -24.60 8.09
C LEU C 152 5.49 -25.93 7.42
N GLU C 153 4.64 -26.35 6.49
CA GLU C 153 4.88 -27.63 5.83
C GLU C 153 6.13 -27.60 4.94
N LEU C 154 6.48 -26.42 4.39
CA LEU C 154 7.72 -26.30 3.64
C LEU C 154 8.93 -26.32 4.55
N ILE C 155 8.80 -25.70 5.74
CA ILE C 155 9.87 -25.79 6.74
C ILE C 155 10.08 -27.24 7.17
N LYS C 156 9.01 -27.96 7.50
CA LYS C 156 9.19 -29.33 7.93
C LYS C 156 9.88 -30.16 6.85
N GLU C 157 9.61 -29.86 5.58
CA GLU C 157 10.25 -30.59 4.48
C GLU C 157 11.78 -30.54 4.57
N THR C 158 12.37 -29.47 5.13
CA THR C 158 13.82 -29.44 5.18
C THR C 158 14.41 -30.58 6.03
N GLY C 159 13.61 -31.16 6.94
CA GLY C 159 14.12 -32.11 7.90
C GLY C 159 14.68 -31.50 9.17
N VAL C 160 14.81 -30.17 9.22
CA VAL C 160 15.37 -29.49 10.38
C VAL C 160 14.31 -29.27 11.46
N PRO C 161 14.55 -29.72 12.69
CA PRO C 161 13.61 -29.42 13.77
C PRO C 161 13.47 -27.92 13.99
N ILE C 162 12.24 -27.51 14.27
CA ILE C 162 11.91 -26.11 14.51
C ILE C 162 12.21 -25.75 15.96
N ALA C 163 12.11 -26.71 16.86
CA ALA C 163 12.13 -26.40 18.27
C ALA C 163 13.52 -25.95 18.68
N GLY C 164 13.59 -24.83 19.40
CA GLY C 164 14.85 -24.21 19.79
C GLY C 164 15.32 -23.09 18.88
N ARG C 165 14.99 -23.15 17.58
CA ARG C 165 15.45 -22.20 16.58
C ARG C 165 14.95 -20.77 16.86
N HIS C 166 15.69 -19.84 16.25
CA HIS C 166 15.22 -18.43 16.27
C HIS C 166 14.59 -18.19 14.90
N ALA C 167 13.33 -17.78 14.88
CA ALA C 167 12.60 -17.51 13.66
C ALA C 167 12.26 -16.02 13.61
N VAL C 168 12.46 -15.45 12.42
CA VAL C 168 12.08 -14.07 12.15
C VAL C 168 10.92 -14.11 11.17
N VAL C 169 9.89 -13.33 11.48
CA VAL C 169 8.76 -13.15 10.60
C VAL C 169 8.73 -11.67 10.25
N VAL C 170 8.84 -11.35 8.97
CA VAL C 170 8.81 -9.98 8.49
C VAL C 170 7.39 -9.73 7.96
N GLY C 171 6.62 -8.92 8.68
CA GLY C 171 5.23 -8.63 8.43
C GLY C 171 4.31 -9.23 9.50
N ARG C 172 3.23 -8.50 9.82
CA ARG C 172 2.36 -8.88 10.92
C ARG C 172 0.89 -8.81 10.48
N SER C 173 0.57 -9.25 9.27
CA SER C 173 -0.76 -9.02 8.72
C SER C 173 -1.69 -10.22 8.98
N LYS C 174 -3.00 -9.99 8.76
CA LYS C 174 -4.05 -10.88 9.26
C LYS C 174 -3.97 -12.25 8.60
N ILE C 175 -3.67 -12.27 7.31
CA ILE C 175 -3.73 -13.47 6.50
C ILE C 175 -2.43 -14.26 6.52
N VAL C 176 -1.29 -13.63 6.85
CA VAL C 176 0.01 -14.29 6.75
C VAL C 176 0.94 -14.10 7.96
N GLY C 177 1.29 -12.85 8.26
CA GLY C 177 2.41 -12.59 9.15
C GLY C 177 2.10 -12.82 10.63
N ALA C 178 1.01 -12.24 11.12
CA ALA C 178 0.61 -12.49 12.50
C ALA C 178 0.29 -13.96 12.74
N PRO C 179 -0.54 -14.63 11.93
CA PRO C 179 -0.68 -16.09 12.11
C PRO C 179 0.61 -16.86 11.95
N MET C 180 1.51 -16.45 11.04
CA MET C 180 2.79 -17.14 10.93
C MET C 180 3.58 -17.06 12.23
N HIS C 181 3.53 -15.91 12.92
CA HIS C 181 4.15 -15.81 14.23
C HIS C 181 3.63 -16.88 15.19
N ASP C 182 2.31 -17.11 15.19
CA ASP C 182 1.69 -18.04 16.13
C ASP C 182 2.02 -19.49 15.80
N LEU C 183 1.99 -19.86 14.51
CA LEU C 183 2.32 -21.23 14.10
C LEU C 183 3.74 -21.59 14.48
N LEU C 184 4.68 -20.70 14.21
CA LEU C 184 6.07 -20.97 14.58
C LEU C 184 6.22 -21.04 16.09
N LEU C 185 5.55 -20.15 16.80
CA LEU C 185 5.72 -20.05 18.25
C LEU C 185 5.26 -21.31 18.95
N TRP C 186 4.11 -21.86 18.54
CA TRP C 186 3.60 -23.09 19.13
C TRP C 186 4.27 -24.34 18.59
N ASN C 187 5.28 -24.14 17.74
CA ASN C 187 6.14 -25.27 17.32
C ASN C 187 7.38 -25.08 18.20
N ASN C 188 7.27 -24.29 19.26
CA ASN C 188 8.34 -24.06 20.29
C ASN C 188 9.60 -23.46 19.65
N ALA C 189 9.40 -22.53 18.73
CA ALA C 189 10.55 -21.79 18.18
C ALA C 189 10.58 -20.43 18.85
N THR C 190 11.76 -19.85 18.98
CA THR C 190 11.83 -18.47 19.44
C THR C 190 11.58 -17.59 18.22
N VAL C 191 10.63 -16.65 18.37
CA VAL C 191 10.17 -15.86 17.20
C VAL C 191 10.25 -14.35 17.45
N THR C 192 10.84 -13.62 16.49
CA THR C 192 10.90 -12.15 16.53
C THR C 192 10.03 -11.62 15.39
N THR C 193 9.12 -10.68 15.66
CA THR C 193 8.24 -10.12 14.59
C THR C 193 8.71 -8.73 14.14
N CYS C 194 8.88 -8.56 12.83
CA CYS C 194 9.30 -7.30 12.22
C CYS C 194 8.18 -6.74 11.37
N HIS C 195 8.21 -5.42 11.21
CA HIS C 195 7.20 -4.68 10.46
C HIS C 195 7.80 -3.35 10.05
N SER C 196 6.98 -2.47 9.46
CA SER C 196 7.51 -1.29 8.79
C SER C 196 8.11 -0.25 9.74
N LYS C 197 7.93 -0.39 11.05
CA LYS C 197 8.57 0.51 12.01
C LYS C 197 9.73 -0.15 12.76
N THR C 198 10.13 -1.35 12.35
CA THR C 198 11.32 -1.96 12.91
C THR C 198 12.57 -1.22 12.47
N ALA C 199 13.45 -0.92 13.41
CA ALA C 199 14.76 -0.37 13.12
C ALA C 199 15.73 -1.48 12.79
N HIS C 200 16.84 -1.10 12.16
CA HIS C 200 17.92 -2.02 11.78
C HIS C 200 17.37 -3.35 11.33
N LEU C 201 16.53 -3.30 10.30
CA LEU C 201 15.84 -4.49 9.83
C LEU C 201 16.84 -5.54 9.37
N ASP C 202 17.92 -5.11 8.74
CA ASP C 202 18.97 -6.03 8.31
C ASP C 202 19.51 -6.86 9.49
N GLU C 203 19.77 -6.20 10.64
CA GLU C 203 20.28 -6.92 11.80
C GLU C 203 19.20 -7.76 12.46
N GLU C 204 17.94 -7.33 12.40
CA GLU C 204 16.85 -8.19 12.84
C GLU C 204 16.76 -9.44 11.96
N VAL C 205 16.87 -9.26 10.64
CA VAL C 205 16.76 -10.41 9.73
C VAL C 205 17.93 -11.36 9.94
N ASN C 206 19.11 -10.82 10.22
CA ASN C 206 20.31 -11.65 10.28
C ASN C 206 20.28 -12.62 11.46
N LYS C 207 19.41 -12.41 12.44
CA LYS C 207 19.22 -13.33 13.57
C LYS C 207 18.42 -14.59 13.22
N GLY C 208 17.98 -14.78 11.97
CA GLY C 208 17.00 -15.83 11.69
C GLY C 208 17.46 -17.18 11.17
N ASP C 209 17.42 -18.22 12.02
CA ASP C 209 17.56 -19.60 11.55
C ASP C 209 16.42 -19.99 10.60
N ILE C 210 15.19 -19.62 10.95
CA ILE C 210 14.04 -19.69 10.07
C ILE C 210 13.67 -18.25 9.75
N LEU C 211 13.40 -17.98 8.47
CA LEU C 211 12.99 -16.64 8.08
C LEU C 211 11.80 -16.75 7.14
N VAL C 212 10.67 -16.17 7.54
CA VAL C 212 9.49 -16.03 6.69
C VAL C 212 9.28 -14.54 6.46
N VAL C 213 9.22 -14.14 5.20
CA VAL C 213 9.08 -12.74 4.83
C VAL C 213 7.72 -12.58 4.16
N ALA C 214 6.93 -11.62 4.65
CA ALA C 214 5.63 -11.32 4.04
C ALA C 214 5.38 -9.82 4.11
N THR C 215 5.92 -9.09 3.13
CA THR C 215 5.83 -7.63 3.10
C THR C 215 5.14 -7.10 1.85
N GLY C 216 5.17 -7.82 0.74
CA GLY C 216 4.74 -7.28 -0.52
C GLY C 216 5.56 -6.11 -1.02
N GLN C 217 6.87 -6.10 -0.75
CA GLN C 217 7.81 -5.12 -1.31
C GLN C 217 8.88 -5.91 -2.08
N PRO C 218 8.99 -5.73 -3.39
CA PRO C 218 9.68 -6.73 -4.23
C PRO C 218 11.20 -6.72 -4.01
N GLU C 219 11.73 -7.91 -3.65
CA GLU C 219 13.14 -8.13 -3.32
C GLU C 219 13.68 -7.11 -2.33
N MET C 220 12.86 -6.72 -1.36
CA MET C 220 13.36 -5.71 -0.43
C MET C 220 14.29 -6.36 0.61
N VAL C 221 14.14 -7.65 0.90
CA VAL C 221 15.01 -8.28 1.87
C VAL C 221 16.29 -8.71 1.15
N LYS C 222 17.38 -8.00 1.44
CA LYS C 222 18.66 -8.19 0.77
C LYS C 222 19.31 -9.49 1.20
N GLY C 223 19.89 -10.19 0.22
CA GLY C 223 20.57 -11.44 0.50
C GLY C 223 21.67 -11.32 1.53
N GLU C 224 22.29 -10.15 1.63
CA GLU C 224 23.36 -9.96 2.60
C GLU C 224 22.87 -9.92 4.04
N TRP C 225 21.59 -9.72 4.27
CA TRP C 225 21.04 -9.69 5.65
C TRP C 225 20.77 -11.11 6.14
N ILE C 226 20.62 -12.06 5.23
CA ILE C 226 20.24 -13.46 5.60
C ILE C 226 21.30 -14.07 6.51
N LYS C 227 20.90 -14.75 7.57
CA LYS C 227 21.88 -15.47 8.40
C LYS C 227 22.47 -16.61 7.58
N PRO C 228 23.81 -16.75 7.47
CA PRO C 228 24.35 -17.94 6.82
C PRO C 228 23.69 -19.23 7.33
N GLY C 229 23.14 -20.06 6.44
CA GLY C 229 22.56 -21.36 6.80
C GLY C 229 21.06 -21.34 7.07
N ALA C 230 20.38 -20.27 6.69
CA ALA C 230 18.96 -20.13 7.07
C ALA C 230 17.94 -20.79 6.14
N ILE C 231 16.81 -21.22 6.69
CA ILE C 231 15.68 -21.64 5.87
C ILE C 231 14.87 -20.38 5.54
N VAL C 232 14.91 -19.92 4.28
CA VAL C 232 14.21 -18.71 3.87
C VAL C 232 12.90 -19.09 3.16
N ILE C 233 11.80 -18.50 3.61
CA ILE C 233 10.47 -18.77 3.08
C ILE C 233 9.92 -17.45 2.57
N ASP C 234 9.63 -17.38 1.28
CA ASP C 234 9.22 -16.13 0.61
C ASP C 234 7.74 -16.22 0.24
N CYS C 235 6.92 -15.47 0.96
CA CYS C 235 5.49 -15.39 0.69
C CYS C 235 5.14 -14.33 -0.34
N GLY C 236 6.12 -13.55 -0.78
CA GLY C 236 5.83 -12.49 -1.73
C GLY C 236 5.36 -13.02 -3.07
N ILE C 237 4.32 -12.36 -3.61
CA ILE C 237 3.90 -12.52 -5.00
C ILE C 237 3.64 -11.12 -5.56
N ASN C 238 4.67 -10.53 -6.17
CA ASN C 238 4.60 -9.17 -6.67
C ASN C 238 4.69 -9.17 -8.20
N TYR C 239 3.76 -8.46 -8.82
CA TYR C 239 3.74 -8.29 -10.28
C TYR C 239 4.38 -6.95 -10.59
N VAL C 240 5.56 -6.98 -11.16
CA VAL C 240 6.37 -5.78 -11.40
C VAL C 240 6.36 -5.51 -12.90
N PRO C 241 6.05 -4.28 -13.34
CA PRO C 241 6.00 -4.01 -14.78
C PRO C 241 7.32 -4.37 -15.46
N ASP C 242 7.21 -4.94 -16.66
CA ASP C 242 8.36 -5.55 -17.32
C ASP C 242 8.09 -5.50 -18.83
N ASP C 243 8.84 -4.64 -19.54
CA ASP C 243 8.58 -4.41 -20.97
C ASP C 243 8.75 -5.68 -21.80
N LYS C 244 9.73 -6.53 -21.44
CA LYS C 244 10.09 -7.71 -22.23
C LYS C 244 8.99 -8.76 -22.33
N LYS C 245 8.61 -9.37 -21.20
CA LYS C 245 7.62 -10.44 -21.22
C LYS C 245 6.27 -9.92 -21.70
N PRO C 246 5.51 -10.75 -22.42
CA PRO C 246 4.10 -10.42 -22.66
C PRO C 246 3.36 -10.39 -21.34
N ASN C 247 2.18 -9.76 -21.36
CA ASN C 247 1.38 -9.50 -20.16
C ASN C 247 2.03 -8.36 -19.36
N GLY C 248 3.22 -7.94 -19.77
CA GLY C 248 3.88 -6.75 -19.25
C GLY C 248 4.38 -6.83 -17.83
N ARG C 249 4.54 -8.03 -17.28
CA ARG C 249 4.92 -8.17 -15.88
C ARG C 249 5.62 -9.50 -15.65
N LYS C 250 6.54 -9.51 -14.69
CA LYS C 250 7.14 -10.70 -14.14
C LYS C 250 6.75 -10.84 -12.67
N VAL C 251 6.71 -12.10 -12.19
CA VAL C 251 6.35 -12.37 -10.80
C VAL C 251 7.62 -12.40 -9.95
N VAL C 252 7.61 -11.68 -8.83
CA VAL C 252 8.80 -11.54 -8.01
C VAL C 252 8.46 -11.67 -6.53
N GLY C 253 9.43 -12.15 -5.74
CA GLY C 253 9.25 -12.32 -4.32
C GLY C 253 9.64 -11.10 -3.49
N ASP C 254 9.44 -11.24 -2.17
CA ASP C 254 9.92 -10.24 -1.22
C ASP C 254 11.39 -10.39 -0.90
N VAL C 255 12.06 -11.43 -1.39
CA VAL C 255 13.45 -11.67 -1.03
C VAL C 255 14.31 -11.62 -2.30
N ALA C 256 15.45 -10.94 -2.22
CA ALA C 256 16.40 -10.90 -3.35
C ALA C 256 17.02 -12.27 -3.53
N TYR C 257 16.41 -13.06 -4.41
CA TYR C 257 16.63 -14.51 -4.46
C TYR C 257 18.06 -14.86 -4.86
N ASP C 258 18.62 -14.16 -5.84
CA ASP C 258 19.97 -14.47 -6.32
C ASP C 258 20.99 -14.42 -5.19
N GLU C 259 21.01 -13.31 -4.44
CA GLU C 259 21.96 -13.20 -3.34
C GLU C 259 21.55 -14.04 -2.13
N ALA C 260 20.24 -14.24 -1.92
CA ALA C 260 19.77 -15.02 -0.77
C ALA C 260 20.13 -16.50 -0.90
N LYS C 261 20.03 -17.06 -2.11
CA LYS C 261 20.35 -18.48 -2.30
C LYS C 261 21.84 -18.79 -2.08
N GLU C 262 22.69 -17.77 -2.09
CA GLU C 262 24.09 -18.02 -1.74
C GLU C 262 24.27 -18.19 -0.23
N ARG C 263 23.43 -17.56 0.59
CA ARG C 263 23.66 -17.61 2.05
C ARG C 263 22.75 -18.63 2.74
N ALA C 264 21.68 -19.06 2.08
CA ALA C 264 20.69 -19.95 2.72
C ALA C 264 21.03 -21.42 2.55
N SER C 265 20.41 -22.26 3.37
CA SER C 265 20.55 -23.73 3.27
C SER C 265 19.38 -24.24 2.45
N PHE C 266 18.21 -23.61 2.60
CA PHE C 266 16.96 -23.99 1.89
C PHE C 266 16.19 -22.71 1.60
N ILE C 267 15.47 -22.66 0.48
CA ILE C 267 14.82 -21.43 0.07
C ILE C 267 13.69 -21.79 -0.90
N THR C 268 12.59 -21.05 -0.80
CA THR C 268 11.47 -21.23 -1.71
C THR C 268 11.64 -20.34 -2.95
N PRO C 269 11.33 -20.84 -4.15
CA PRO C 269 11.34 -19.96 -5.32
C PRO C 269 10.02 -19.22 -5.47
N VAL C 270 10.07 -18.06 -6.12
CA VAL C 270 8.88 -17.31 -6.49
C VAL C 270 8.90 -17.09 -7.99
N PRO C 271 7.94 -17.65 -8.75
CA PRO C 271 6.77 -18.42 -8.28
C PRO C 271 7.07 -19.87 -7.93
N GLY C 272 6.02 -20.68 -7.72
CA GLY C 272 6.19 -22.10 -7.49
C GLY C 272 6.66 -22.51 -6.10
N GLY C 273 6.56 -21.62 -5.13
CA GLY C 273 6.97 -21.90 -3.77
C GLY C 273 5.78 -21.91 -2.84
N VAL C 274 5.60 -20.82 -2.08
CA VAL C 274 4.55 -20.75 -1.05
C VAL C 274 3.16 -20.77 -1.67
N GLY C 275 3.00 -20.25 -2.87
CA GLY C 275 1.72 -20.07 -3.47
C GLY C 275 0.97 -21.35 -3.73
N PRO C 276 1.60 -22.32 -4.40
CA PRO C 276 0.92 -23.62 -4.58
C PRO C 276 0.59 -24.32 -3.27
N MET C 277 1.43 -24.14 -2.25
CA MET C 277 1.14 -24.73 -0.95
C MET C 277 -0.01 -24.01 -0.26
N THR C 278 -0.10 -22.68 -0.40
CA THR C 278 -1.27 -21.95 0.10
C THR C 278 -2.54 -22.58 -0.40
N VAL C 279 -2.55 -22.98 -1.68
CA VAL C 279 -3.74 -23.55 -2.30
C VAL C 279 -4.02 -24.94 -1.77
N ALA C 280 -2.99 -25.80 -1.72
CA ALA C 280 -3.22 -27.18 -1.32
C ALA C 280 -3.68 -27.30 0.12
N MET C 281 -3.24 -26.38 0.97
CA MET C 281 -3.67 -26.42 2.36
C MET C 281 -5.15 -26.10 2.52
N LEU C 282 -5.68 -25.24 1.66
CA LEU C 282 -7.11 -24.95 1.66
C LEU C 282 -7.91 -26.16 1.24
N MET C 283 -7.42 -26.89 0.25
CA MET C 283 -8.05 -28.15 -0.11
C MET C 283 -7.96 -29.16 1.03
N GLN C 284 -6.88 -29.08 1.84
CA GLN C 284 -6.73 -29.96 2.99
C GLN C 284 -7.69 -29.58 4.12
N SER C 285 -7.85 -28.29 4.40
CA SER C 285 -8.84 -27.87 5.39
C SER C 285 -10.25 -28.19 4.92
N THR C 286 -10.53 -28.02 3.63
CA THR C 286 -11.87 -28.30 3.11
C THR C 286 -12.23 -29.76 3.28
N VAL C 287 -11.31 -30.67 2.98
CA VAL C 287 -11.57 -32.09 3.21
C VAL C 287 -11.80 -32.37 4.70
N GLU C 288 -10.96 -31.80 5.57
CA GLU C 288 -11.14 -32.04 7.00
C GLU C 288 -12.51 -31.55 7.48
N SER C 289 -12.91 -30.34 7.07
CA SER C 289 -14.20 -29.83 7.54
C SER C 289 -15.36 -30.70 7.09
N ALA C 290 -15.25 -31.30 5.90
CA ALA C 290 -16.27 -32.25 5.46
C ALA C 290 -16.26 -33.50 6.33
N LYS C 291 -15.08 -33.96 6.73
CA LYS C 291 -14.97 -35.08 7.66
C LYS C 291 -15.56 -34.74 9.02
N ARG C 292 -15.20 -33.57 9.56
CA ARG C 292 -15.78 -33.16 10.83
C ARG C 292 -17.29 -33.14 10.77
N PHE C 293 -17.83 -32.92 9.57
CA PHE C 293 -19.27 -32.92 9.36
C PHE C 293 -19.87 -34.33 9.43
N LEU C 294 -19.24 -35.28 8.72
CA LEU C 294 -19.82 -36.62 8.63
C LEU C 294 -19.92 -37.31 9.98
N GLU C 295 -19.02 -37.01 10.90
CA GLU C 295 -19.02 -37.63 12.22
C GLU C 295 -19.61 -36.68 13.26
N PRO D 2 22.36 3.30 38.64
CA PRO D 2 21.21 3.00 39.48
C PRO D 2 19.88 3.29 38.75
N ALA D 3 18.91 2.39 38.90
CA ALA D 3 17.68 2.43 38.13
C ALA D 3 16.60 3.23 38.83
N GLU D 4 15.74 3.86 38.04
CA GLU D 4 14.53 4.42 38.59
C GLU D 4 13.49 3.32 38.84
N ILE D 5 12.64 3.55 39.82
CA ILE D 5 11.69 2.54 40.28
C ILE D 5 10.32 2.88 39.73
N LEU D 6 9.68 1.92 39.08
CA LEU D 6 8.30 2.07 38.66
C LEU D 6 7.41 1.71 39.83
N ASN D 7 6.73 2.68 40.41
CA ASN D 7 5.96 2.44 41.64
C ASN D 7 4.54 2.02 41.29
N GLY D 8 4.29 0.71 41.28
CA GLY D 8 2.94 0.24 40.99
C GLY D 8 1.93 0.75 42.00
N LYS D 9 2.26 0.65 43.29
CA LYS D 9 1.31 1.05 44.33
C LYS D 9 0.95 2.52 44.18
N GLU D 10 1.94 3.37 43.90
CA GLU D 10 1.67 4.78 43.66
C GLU D 10 0.87 4.98 42.36
N ILE D 11 1.33 4.39 41.25
CA ILE D 11 0.69 4.61 39.96
C ILE D 11 -0.74 4.08 39.96
N SER D 12 -0.93 2.87 40.49
CA SER D 12 -2.27 2.31 40.61
C SER D 12 -3.17 3.19 41.48
N ALA D 13 -2.61 3.75 42.55
CA ALA D 13 -3.41 4.67 43.36
C ALA D 13 -3.85 5.89 42.54
N GLN D 14 -2.96 6.40 41.68
CA GLN D 14 -3.32 7.50 40.79
C GLN D 14 -4.48 7.12 39.88
N ILE D 15 -4.45 5.90 39.33
CA ILE D 15 -5.52 5.45 38.44
C ILE D 15 -6.82 5.34 39.21
N ARG D 16 -6.79 4.67 40.37
CA ARG D 16 -8.00 4.38 41.10
C ARG D 16 -8.72 5.65 41.52
N ALA D 17 -7.98 6.72 41.82
CA ALA D 17 -8.60 8.01 42.08
C ALA D 17 -9.37 8.48 40.87
N ARG D 18 -8.72 8.48 39.71
CA ARG D 18 -9.34 8.97 38.49
C ARG D 18 -10.62 8.21 38.18
N LEU D 19 -10.59 6.88 38.34
CA LEU D 19 -11.79 6.07 38.14
C LEU D 19 -12.87 6.39 39.16
N LYS D 20 -12.48 6.66 40.41
CA LYS D 20 -13.45 6.96 41.45
C LYS D 20 -14.20 8.25 41.15
N ASN D 21 -13.49 9.28 40.68
CA ASN D 21 -14.17 10.47 40.21
C ASN D 21 -15.05 10.14 39.02
N GLN D 22 -14.52 9.32 38.11
CA GLN D 22 -15.26 8.93 36.93
C GLN D 22 -16.55 8.21 37.31
N VAL D 23 -16.50 7.40 38.38
CA VAL D 23 -17.67 6.69 38.88
C VAL D 23 -18.61 7.66 39.60
N THR D 24 -18.04 8.58 40.38
CA THR D 24 -18.88 9.56 41.07
C THR D 24 -19.69 10.38 40.07
N GLN D 25 -19.00 10.92 39.06
CA GLN D 25 -19.69 11.75 38.07
C GLN D 25 -20.69 10.94 37.25
N LEU D 26 -20.42 9.66 37.02
CA LEU D 26 -21.41 8.81 36.37
C LEU D 26 -22.66 8.66 37.24
N LYS D 27 -22.49 8.49 38.55
CA LYS D 27 -23.63 8.42 39.46
C LYS D 27 -24.42 9.73 39.44
N GLU D 28 -23.72 10.86 39.46
CA GLU D 28 -24.41 12.15 39.39
C GLU D 28 -25.16 12.30 38.06
N GLN D 29 -24.56 11.84 36.96
CA GLN D 29 -25.21 11.96 35.66
C GLN D 29 -26.46 11.09 35.58
N VAL D 30 -26.30 9.78 35.63
CA VAL D 30 -27.41 8.84 35.61
C VAL D 30 -27.73 8.48 37.07
N PRO D 31 -28.90 8.81 37.57
CA PRO D 31 -29.19 8.50 38.98
C PRO D 31 -29.33 7.01 39.24
N GLY D 32 -28.74 6.57 40.35
CA GLY D 32 -28.80 5.20 40.79
C GLY D 32 -27.94 4.22 40.03
N PHE D 33 -27.18 4.68 39.02
CA PHE D 33 -26.42 3.77 38.17
C PHE D 33 -25.07 3.50 38.79
N THR D 34 -24.76 2.22 38.94
CA THR D 34 -23.50 1.75 39.46
C THR D 34 -22.91 0.76 38.49
N PRO D 35 -21.60 0.85 38.21
CA PRO D 35 -20.93 -0.20 37.43
C PRO D 35 -20.75 -1.45 38.26
N ARG D 36 -21.18 -2.59 37.71
CA ARG D 36 -21.28 -3.83 38.47
C ARG D 36 -20.47 -4.94 37.80
N LEU D 37 -19.65 -5.60 38.63
CA LEU D 37 -18.68 -6.61 38.25
C LEU D 37 -19.02 -7.93 38.93
N ALA D 38 -18.66 -9.04 38.32
CA ALA D 38 -18.89 -10.34 38.96
C ALA D 38 -17.70 -11.24 38.73
N ILE D 39 -17.12 -11.78 39.80
CA ILE D 39 -16.00 -12.72 39.73
C ILE D 39 -16.50 -14.09 40.13
N LEU D 40 -16.50 -15.05 39.19
CA LEU D 40 -16.92 -16.43 39.44
C LEU D 40 -15.69 -17.30 39.71
N GLN D 41 -15.74 -18.12 40.77
CA GLN D 41 -14.62 -18.97 41.15
C GLN D 41 -15.06 -20.42 41.37
N VAL D 42 -14.25 -21.36 40.89
CA VAL D 42 -14.48 -22.78 41.09
C VAL D 42 -13.44 -23.32 42.06
N GLY D 43 -13.90 -23.90 43.17
CA GLY D 43 -13.01 -24.49 44.13
C GLY D 43 -12.54 -23.49 45.16
N ASN D 44 -11.47 -23.84 45.85
CA ASN D 44 -11.07 -23.06 47.01
C ASN D 44 -9.55 -22.93 47.11
N ARG D 45 -8.89 -22.61 46.00
CA ARG D 45 -7.46 -22.32 46.09
C ARG D 45 -7.19 -21.10 46.96
N ASP D 46 -6.10 -21.15 47.72
CA ASP D 46 -5.74 -20.03 48.58
C ASP D 46 -5.40 -18.79 47.76
N ASP D 47 -4.56 -18.94 46.73
CA ASP D 47 -4.15 -17.76 45.97
C ASP D 47 -5.31 -17.17 45.20
N SER D 48 -6.19 -18.01 44.64
CA SER D 48 -7.43 -17.49 44.08
C SER D 48 -8.22 -16.72 45.11
N ASN D 49 -8.20 -17.16 46.38
CA ASN D 49 -8.87 -16.42 47.45
C ASN D 49 -8.20 -15.08 47.71
N LEU D 50 -6.87 -15.07 47.80
CA LEU D 50 -6.16 -13.82 48.04
C LEU D 50 -6.42 -12.81 46.93
N TYR D 51 -6.30 -13.24 45.66
CA TYR D 51 -6.34 -12.26 44.58
C TYR D 51 -7.77 -11.77 44.34
N ILE D 52 -8.75 -12.67 44.42
CA ILE D 52 -10.14 -12.26 44.33
C ILE D 52 -10.48 -11.25 45.42
N ASN D 53 -9.85 -11.38 46.60
CA ASN D 53 -10.12 -10.42 47.67
C ASN D 53 -9.48 -9.07 47.38
N VAL D 54 -8.30 -9.08 46.79
CA VAL D 54 -7.69 -7.81 46.39
C VAL D 54 -8.56 -7.11 45.37
N LYS D 55 -9.14 -7.88 44.44
CA LYS D 55 -10.00 -7.27 43.43
C LYS D 55 -11.29 -6.75 44.05
N LEU D 56 -11.89 -7.54 44.94
CA LEU D 56 -13.10 -7.10 45.63
C LEU D 56 -12.89 -5.78 46.34
N LYS D 57 -11.70 -5.59 46.92
CA LYS D 57 -11.46 -4.36 47.67
C LYS D 57 -11.41 -3.16 46.74
N ALA D 58 -10.54 -3.22 45.72
CA ALA D 58 -10.35 -2.07 44.84
C ALA D 58 -11.66 -1.64 44.21
N ALA D 59 -12.53 -2.60 43.84
CA ALA D 59 -13.84 -2.23 43.31
C ALA D 59 -14.64 -1.41 44.33
N GLU D 60 -14.50 -1.76 45.61
CA GLU D 60 -15.24 -1.08 46.69
C GLU D 60 -14.65 0.30 46.98
N GLU D 61 -13.33 0.45 46.90
CA GLU D 61 -12.74 1.78 47.04
C GLU D 61 -13.25 2.71 45.94
N ILE D 62 -13.29 2.23 44.70
CA ILE D 62 -13.66 3.07 43.57
C ILE D 62 -15.15 3.38 43.58
N GLY D 63 -15.97 2.41 44.00
CA GLY D 63 -17.40 2.48 43.84
C GLY D 63 -18.01 1.50 42.85
N ILE D 64 -17.26 0.51 42.36
CA ILE D 64 -17.83 -0.54 41.54
C ILE D 64 -18.45 -1.59 42.45
N LYS D 65 -19.68 -1.97 42.18
CA LYS D 65 -20.35 -3.03 42.93
C LYS D 65 -19.84 -4.36 42.41
N ALA D 66 -19.20 -5.15 43.26
CA ALA D 66 -18.53 -6.37 42.83
C ALA D 66 -19.07 -7.54 43.65
N THR D 67 -19.67 -8.52 42.95
CA THR D 67 -20.21 -9.74 43.55
C THR D 67 -19.26 -10.91 43.27
N HIS D 68 -18.93 -11.67 44.31
CA HIS D 68 -18.09 -12.86 44.20
C HIS D 68 -18.95 -14.11 44.41
N ILE D 69 -19.00 -14.98 43.39
CA ILE D 69 -19.66 -16.27 43.48
C ILE D 69 -18.60 -17.35 43.43
N LYS D 70 -18.61 -18.25 44.43
CA LYS D 70 -17.56 -19.25 44.62
C LYS D 70 -18.21 -20.63 44.73
N LEU D 71 -18.08 -21.44 43.66
CA LEU D 71 -18.59 -22.81 43.57
C LEU D 71 -17.60 -23.81 44.17
N PRO D 72 -18.08 -25.00 44.56
CA PRO D 72 -17.21 -26.01 45.19
C PRO D 72 -16.37 -26.79 44.19
N ARG D 73 -15.42 -27.56 44.73
CA ARG D 73 -14.55 -28.39 43.89
C ARG D 73 -15.32 -29.44 43.10
N THR D 74 -16.48 -29.87 43.58
CA THR D 74 -17.21 -30.96 42.94
C THR D 74 -18.24 -30.47 41.91
N THR D 75 -18.25 -29.18 41.60
CA THR D 75 -19.16 -28.69 40.58
C THR D 75 -18.77 -29.28 39.21
N THR D 76 -19.78 -29.46 38.36
CA THR D 76 -19.59 -29.98 37.02
C THR D 76 -19.45 -28.85 36.00
N GLU D 77 -19.01 -29.24 34.80
CA GLU D 77 -19.02 -28.31 33.68
C GLU D 77 -20.43 -27.79 33.41
N SER D 78 -21.43 -28.67 33.58
CA SER D 78 -22.81 -28.26 33.34
C SER D 78 -23.26 -27.17 34.30
N GLU D 79 -22.84 -27.25 35.56
CA GLU D 79 -23.34 -26.24 36.51
C GLU D 79 -22.63 -24.92 36.22
N VAL D 80 -21.32 -24.97 36.02
CA VAL D 80 -20.62 -23.73 35.73
C VAL D 80 -21.25 -23.02 34.54
N MET D 81 -21.64 -23.79 33.51
CA MET D 81 -22.31 -23.20 32.34
C MET D 81 -23.65 -22.60 32.72
N LYS D 82 -24.37 -23.20 33.67
CA LYS D 82 -25.61 -22.57 34.13
C LYS D 82 -25.32 -21.22 34.75
N TYR D 83 -24.19 -21.07 35.43
CA TYR D 83 -23.83 -19.79 36.04
C TYR D 83 -23.35 -18.76 35.03
N ILE D 84 -22.63 -19.20 33.99
CA ILE D 84 -22.16 -18.27 32.98
C ILE D 84 -23.31 -17.77 32.13
N THR D 85 -24.23 -18.66 31.74
CA THR D 85 -25.41 -18.24 31.00
C THR D 85 -26.17 -17.16 31.75
N SER D 86 -26.39 -17.37 33.05
CA SER D 86 -27.16 -16.44 33.85
C SER D 86 -26.45 -15.09 33.96
N LEU D 87 -25.11 -15.10 34.11
CA LEU D 87 -24.35 -13.84 34.15
C LEU D 87 -24.40 -13.11 32.82
N ASN D 88 -24.37 -13.84 31.71
CA ASN D 88 -24.51 -13.20 30.40
C ASN D 88 -25.86 -12.51 30.28
N GLU D 89 -26.92 -13.13 30.81
CA GLU D 89 -28.28 -12.64 30.65
C GLU D 89 -28.72 -11.66 31.74
N ASP D 90 -27.90 -11.39 32.74
CA ASP D 90 -28.26 -10.47 33.81
C ASP D 90 -27.81 -9.08 33.40
N SER D 91 -28.77 -8.21 33.05
CA SER D 91 -28.44 -6.90 32.50
C SER D 91 -27.77 -5.97 33.49
N THR D 92 -27.88 -6.23 34.80
CA THR D 92 -27.20 -5.36 35.76
C THR D 92 -25.70 -5.63 35.87
N VAL D 93 -25.23 -6.81 35.42
CA VAL D 93 -23.81 -7.13 35.44
C VAL D 93 -23.19 -6.61 34.13
N HIS D 94 -22.25 -5.66 34.25
CA HIS D 94 -21.63 -5.05 33.08
C HIS D 94 -20.39 -5.79 32.61
N GLY D 95 -19.93 -6.77 33.38
CA GLY D 95 -18.71 -7.47 33.10
C GLY D 95 -18.45 -8.51 34.17
N PHE D 96 -17.99 -9.68 33.74
CA PHE D 96 -17.65 -10.71 34.70
C PHE D 96 -16.52 -11.57 34.17
N LEU D 97 -15.69 -12.02 35.09
CA LEU D 97 -14.51 -12.82 34.80
C LEU D 97 -14.60 -14.11 35.62
N VAL D 98 -13.93 -15.13 35.11
CA VAL D 98 -13.78 -16.42 35.79
C VAL D 98 -12.33 -16.46 36.26
N GLN D 99 -12.12 -16.49 37.58
CA GLN D 99 -10.76 -16.58 38.08
C GLN D 99 -10.17 -17.94 37.69
N LEU D 100 -8.90 -17.93 37.31
CA LEU D 100 -8.25 -19.11 36.79
C LEU D 100 -7.08 -19.48 37.68
N PRO D 101 -6.76 -20.77 37.79
CA PRO D 101 -7.42 -21.91 37.13
C PRO D 101 -8.62 -22.49 37.90
N LEU D 102 -9.48 -23.23 37.19
CA LEU D 102 -10.61 -23.89 37.83
C LEU D 102 -10.13 -25.03 38.71
N ASP D 103 -10.30 -24.88 40.03
CA ASP D 103 -9.99 -25.94 40.99
C ASP D 103 -11.17 -26.89 41.05
N SER D 104 -11.10 -27.97 40.29
CA SER D 104 -12.21 -28.89 40.13
C SER D 104 -11.72 -30.32 40.20
N GLU D 105 -12.35 -31.10 41.09
CA GLU D 105 -12.15 -32.53 41.07
C GLU D 105 -12.65 -33.13 39.77
N ASN D 106 -13.72 -32.58 39.23
CA ASN D 106 -14.21 -33.00 37.92
C ASN D 106 -13.38 -32.36 36.83
N SER D 107 -13.20 -33.07 35.73
CA SER D 107 -12.44 -32.55 34.60
C SER D 107 -13.37 -31.60 33.84
N ILE D 108 -13.16 -30.30 34.03
CA ILE D 108 -13.97 -29.26 33.42
C ILE D 108 -13.14 -28.57 32.35
N ASN D 109 -13.68 -28.52 31.12
CA ASN D 109 -13.00 -27.89 29.98
C ASN D 109 -12.91 -26.38 30.21
N THR D 110 -11.73 -25.89 30.59
CA THR D 110 -11.58 -24.47 30.87
C THR D 110 -11.84 -23.64 29.61
N GLU D 111 -11.32 -24.09 28.46
CA GLU D 111 -11.52 -23.33 27.23
C GLU D 111 -13.00 -23.15 26.94
N GLU D 112 -13.79 -24.21 27.17
CA GLU D 112 -15.24 -24.13 26.98
C GLU D 112 -15.89 -23.08 27.89
N VAL D 113 -15.62 -23.14 29.21
CA VAL D 113 -16.37 -22.25 30.09
C VAL D 113 -15.99 -20.80 29.80
N ILE D 114 -14.74 -20.56 29.42
CA ILE D 114 -14.29 -19.20 29.15
C ILE D 114 -14.95 -18.63 27.90
N ASN D 115 -15.10 -19.45 26.85
CA ASN D 115 -15.61 -18.96 25.59
C ASN D 115 -17.13 -18.85 25.56
N ALA D 116 -17.80 -19.33 26.60
CA ALA D 116 -19.23 -19.08 26.79
C ALA D 116 -19.50 -17.67 27.29
N ILE D 117 -18.47 -16.94 27.68
CA ILE D 117 -18.61 -15.59 28.20
C ILE D 117 -18.89 -14.63 27.06
N ALA D 118 -19.95 -13.84 27.20
CA ALA D 118 -20.28 -12.83 26.20
C ALA D 118 -19.15 -11.81 26.05
N PRO D 119 -18.56 -11.67 24.87
CA PRO D 119 -17.35 -10.81 24.74
C PRO D 119 -17.57 -9.36 25.16
N GLU D 120 -18.79 -8.83 25.10
CA GLU D 120 -19.03 -7.50 25.66
C GLU D 120 -18.89 -7.44 27.16
N LYS D 121 -18.92 -8.59 27.84
CA LYS D 121 -18.75 -8.64 29.29
C LYS D 121 -17.40 -9.22 29.70
N ASP D 122 -16.56 -9.62 28.75
CA ASP D 122 -15.30 -10.32 29.02
C ASP D 122 -14.18 -9.36 29.41
N VAL D 123 -14.36 -8.67 30.54
CA VAL D 123 -13.41 -7.62 30.95
C VAL D 123 -12.02 -8.16 31.29
N ASP D 124 -11.86 -9.49 31.43
CA ASP D 124 -10.53 -10.07 31.61
C ASP D 124 -9.88 -10.47 30.29
N GLY D 125 -10.62 -10.38 29.18
CA GLY D 125 -10.04 -10.56 27.86
C GLY D 125 -9.58 -11.98 27.59
N LEU D 126 -10.29 -12.98 28.12
CA LEU D 126 -9.93 -14.39 28.01
C LEU D 126 -10.66 -15.12 26.89
N THR D 127 -11.75 -14.57 26.36
CA THR D 127 -12.45 -15.20 25.24
C THR D 127 -11.56 -15.23 24.00
N SER D 128 -11.63 -16.33 23.25
CA SER D 128 -10.93 -16.40 21.97
C SER D 128 -11.23 -15.17 21.12
N ILE D 129 -12.52 -14.82 21.00
CA ILE D 129 -12.95 -13.65 20.25
C ILE D 129 -12.12 -12.43 20.61
N ASN D 130 -12.02 -12.12 21.91
CA ASN D 130 -11.25 -10.96 22.31
C ASN D 130 -9.76 -11.16 22.04
N ALA D 131 -9.28 -12.41 22.09
CA ALA D 131 -7.87 -12.69 21.86
C ALA D 131 -7.51 -12.60 20.39
N GLY D 132 -8.39 -13.09 19.51
CA GLY D 132 -8.15 -12.95 18.08
C GLY D 132 -8.16 -11.50 17.64
N ARG D 133 -8.96 -10.67 18.31
CA ARG D 133 -9.01 -9.25 17.98
C ARG D 133 -7.74 -8.54 18.41
N LEU D 134 -7.12 -8.96 19.52
CA LEU D 134 -5.86 -8.35 19.92
C LEU D 134 -4.70 -8.86 19.07
N ALA D 135 -4.70 -10.13 18.74
CA ALA D 135 -3.60 -10.73 18.00
C ALA D 135 -3.57 -10.30 16.54
N ARG D 136 -4.62 -9.69 16.03
CA ARG D 136 -4.63 -9.20 14.66
C ARG D 136 -4.69 -7.70 14.59
N GLY D 137 -4.45 -7.02 15.72
CA GLY D 137 -4.26 -5.58 15.77
C GLY D 137 -5.52 -4.74 15.77
N ASP D 138 -6.68 -5.34 16.05
CA ASP D 138 -7.92 -4.60 16.16
C ASP D 138 -8.14 -4.30 17.64
N LEU D 139 -7.46 -3.25 18.12
CA LEU D 139 -7.26 -2.99 19.53
C LEU D 139 -8.24 -1.99 20.13
N ASN D 140 -9.26 -1.56 19.37
CA ASN D 140 -10.21 -0.55 19.83
C ASN D 140 -11.60 -1.12 20.08
N ASP D 141 -11.74 -2.44 19.96
CA ASP D 141 -13.03 -3.12 20.07
C ASP D 141 -12.93 -4.37 20.93
N CYS D 142 -11.83 -4.53 21.67
CA CYS D 142 -11.56 -5.75 22.38
C CYS D 142 -11.07 -5.41 23.77
N PHE D 143 -11.39 -6.28 24.73
CA PHE D 143 -10.80 -6.17 26.06
C PHE D 143 -9.40 -6.76 26.03
N ILE D 144 -8.44 -5.99 26.53
CA ILE D 144 -7.05 -6.44 26.63
C ILE D 144 -6.80 -7.00 28.02
N PRO D 145 -6.16 -8.17 28.15
CA PRO D 145 -5.93 -8.74 29.49
C PRO D 145 -5.24 -7.77 30.43
N CYS D 146 -5.68 -7.80 31.70
CA CYS D 146 -5.39 -6.71 32.62
C CYS D 146 -3.93 -6.65 32.98
N THR D 147 -3.23 -7.79 32.99
CA THR D 147 -1.79 -7.71 33.29
C THR D 147 -1.02 -7.08 32.14
N PRO D 148 -1.18 -7.50 30.88
CA PRO D 148 -0.61 -6.71 29.78
C PRO D 148 -0.90 -5.21 29.89
N LYS D 149 -2.17 -4.83 30.05
CA LYS D 149 -2.54 -3.42 30.12
C LYS D 149 -1.70 -2.69 31.16
N GLY D 150 -1.61 -3.25 32.37
CA GLY D 150 -0.86 -2.59 33.43
C GLY D 150 0.62 -2.51 33.13
N CYS D 151 1.17 -3.57 32.53
CA CYS D 151 2.57 -3.52 32.08
C CYS D 151 2.79 -2.39 31.07
N LEU D 152 1.90 -2.28 30.07
CA LEU D 152 2.06 -1.19 29.08
C LEU D 152 1.97 0.16 29.76
N GLU D 153 1.01 0.31 30.68
CA GLU D 153 0.83 1.56 31.40
C GLU D 153 2.06 1.86 32.26
N LEU D 154 2.75 0.83 32.74
CA LEU D 154 4.00 1.03 33.45
C LEU D 154 5.10 1.49 32.51
N ILE D 155 5.18 0.87 31.33
CA ILE D 155 6.21 1.26 30.37
C ILE D 155 6.00 2.70 29.93
N LYS D 156 4.76 3.09 29.66
CA LYS D 156 4.48 4.46 29.25
C LYS D 156 4.78 5.46 30.36
N GLU D 157 4.70 5.02 31.62
CA GLU D 157 5.13 5.91 32.69
C GLU D 157 6.58 6.35 32.55
N THR D 158 7.42 5.56 31.86
CA THR D 158 8.83 5.90 31.73
C THR D 158 9.04 7.15 30.87
N GLY D 159 8.13 7.44 29.95
CA GLY D 159 8.32 8.51 29.00
C GLY D 159 9.19 8.16 27.81
N VAL D 160 9.70 6.93 27.74
CA VAL D 160 10.45 6.44 26.60
C VAL D 160 9.45 5.99 25.55
N PRO D 161 9.47 6.53 24.33
CA PRO D 161 8.59 6.00 23.28
C PRO D 161 8.89 4.53 23.00
N ILE D 162 7.84 3.77 22.73
CA ILE D 162 7.93 2.34 22.47
C ILE D 162 8.32 2.09 21.02
N ALA D 163 7.72 2.85 20.10
CA ALA D 163 7.93 2.68 18.66
C ALA D 163 9.39 2.43 18.33
N GLY D 164 9.66 1.28 17.73
CA GLY D 164 10.98 0.98 17.20
C GLY D 164 11.92 0.30 18.15
N ARG D 165 11.63 0.33 19.46
CA ARG D 165 12.42 -0.42 20.42
C ARG D 165 12.31 -1.92 20.14
N HIS D 166 13.28 -2.67 20.64
CA HIS D 166 13.19 -4.12 20.64
C HIS D 166 12.73 -4.59 22.02
N ALA D 167 11.66 -5.38 22.05
CA ALA D 167 11.09 -5.88 23.28
C ALA D 167 11.25 -7.38 23.33
N VAL D 168 11.56 -7.89 24.51
CA VAL D 168 11.60 -9.33 24.78
C VAL D 168 10.54 -9.65 25.83
N VAL D 169 9.72 -10.66 25.56
CA VAL D 169 8.78 -11.17 26.54
C VAL D 169 9.12 -12.63 26.80
N VAL D 170 9.28 -12.98 28.07
CA VAL D 170 9.60 -14.35 28.48
C VAL D 170 8.33 -14.96 29.06
N GLY D 171 7.80 -15.97 28.38
CA GLY D 171 6.56 -16.61 28.75
C GLY D 171 5.46 -16.36 27.72
N ARG D 172 4.58 -17.34 27.55
CA ARG D 172 3.55 -17.17 26.50
C ARG D 172 2.21 -17.72 26.99
N SER D 173 1.87 -17.47 28.24
CA SER D 173 0.62 -17.94 28.78
C SER D 173 -0.57 -17.15 28.23
N LYS D 174 -1.76 -17.77 28.34
CA LYS D 174 -2.98 -17.20 27.81
C LYS D 174 -3.36 -15.89 28.47
N ILE D 175 -2.82 -15.62 29.65
CA ILE D 175 -3.26 -14.49 30.47
C ILE D 175 -2.23 -13.36 30.48
N VAL D 176 -0.94 -13.67 30.34
CA VAL D 176 0.09 -12.66 30.53
C VAL D 176 1.04 -12.56 29.34
N GLY D 177 1.75 -13.64 29.03
CA GLY D 177 2.84 -13.55 28.08
C GLY D 177 2.40 -13.30 26.64
N ALA D 178 1.60 -14.23 26.11
CA ALA D 178 1.12 -14.13 24.74
C ALA D 178 0.38 -12.83 24.48
N PRO D 179 -0.57 -12.38 25.32
CA PRO D 179 -1.19 -11.08 25.06
C PRO D 179 -0.22 -9.92 25.15
N MET D 180 0.83 -10.03 25.97
CA MET D 180 1.77 -8.93 26.16
C MET D 180 2.61 -8.72 24.91
N HIS D 181 3.00 -9.81 24.24
CA HIS D 181 3.62 -9.69 22.92
C HIS D 181 2.73 -8.87 21.99
N ASP D 182 1.46 -9.26 21.87
CA ASP D 182 0.57 -8.55 20.94
C ASP D 182 0.47 -7.08 21.31
N LEU D 183 0.29 -6.77 22.60
CA LEU D 183 0.16 -5.38 23.01
C LEU D 183 1.35 -4.57 22.53
N LEU D 184 2.56 -5.08 22.78
CA LEU D 184 3.78 -4.34 22.45
C LEU D 184 3.92 -4.22 20.93
N LEU D 185 3.64 -5.30 20.21
CA LEU D 185 3.76 -5.28 18.77
C LEU D 185 2.93 -4.15 18.17
N TRP D 186 1.65 -4.04 18.55
CA TRP D 186 0.77 -3.03 17.98
C TRP D 186 0.97 -1.67 18.63
N ASN D 187 1.97 -1.55 19.50
CA ASN D 187 2.56 -0.27 19.84
C ASN D 187 3.87 -0.08 19.10
N ASN D 188 4.06 -0.86 18.03
CA ASN D 188 5.10 -0.71 17.02
C ASN D 188 6.49 -0.98 17.59
N ALA D 189 6.56 -1.82 18.61
CA ALA D 189 7.81 -2.46 19.00
C ALA D 189 8.10 -3.66 18.09
N THR D 190 9.40 -3.98 17.97
CA THR D 190 9.85 -5.24 17.39
C THR D 190 10.00 -6.25 18.53
N VAL D 191 9.23 -7.34 18.48
CA VAL D 191 8.99 -8.16 19.65
C VAL D 191 9.49 -9.58 19.43
N THR D 192 10.28 -10.06 20.38
CA THR D 192 10.70 -11.46 20.46
C THR D 192 10.02 -12.12 21.66
N THR D 193 9.53 -13.33 21.47
CA THR D 193 8.93 -14.11 22.55
C THR D 193 9.84 -15.29 22.86
N CYS D 194 10.08 -15.53 24.14
CA CYS D 194 10.84 -16.67 24.61
C CYS D 194 9.96 -17.54 25.51
N HIS D 195 10.34 -18.80 25.65
CA HIS D 195 9.61 -19.75 26.48
C HIS D 195 10.59 -20.77 27.04
N SER D 196 10.05 -21.87 27.58
CA SER D 196 10.89 -22.90 28.19
C SER D 196 11.85 -23.52 27.18
N LYS D 197 11.42 -23.67 25.91
CA LYS D 197 12.25 -24.34 24.90
C LYS D 197 13.18 -23.38 24.17
N THR D 198 13.45 -22.21 24.74
CA THR D 198 14.31 -21.21 24.13
C THR D 198 15.77 -21.49 24.44
N ALA D 199 16.60 -21.60 23.41
CA ALA D 199 18.03 -21.78 23.63
C ALA D 199 18.64 -20.44 24.00
N HIS D 200 19.71 -20.48 24.78
CA HIS D 200 20.50 -19.29 25.15
C HIS D 200 19.61 -18.11 25.54
N LEU D 201 18.69 -18.34 26.48
CA LEU D 201 17.74 -17.27 26.89
C LEU D 201 18.51 -16.03 27.39
N ASP D 202 19.68 -16.24 27.97
CA ASP D 202 20.51 -15.10 28.46
C ASP D 202 20.76 -14.14 27.30
N GLU D 203 21.18 -14.67 26.16
CA GLU D 203 21.53 -13.80 25.01
C GLU D 203 20.25 -13.10 24.53
N GLU D 204 19.16 -13.83 24.45
CA GLU D 204 17.90 -13.27 24.03
C GLU D 204 17.48 -12.10 24.91
N VAL D 205 17.49 -12.29 26.23
CA VAL D 205 17.16 -11.21 27.16
C VAL D 205 18.03 -9.97 26.92
N ASN D 206 19.27 -10.17 26.45
CA ASN D 206 20.21 -9.05 26.31
C ASN D 206 19.87 -8.16 25.12
N LYS D 207 18.94 -8.56 24.24
CA LYS D 207 18.46 -7.75 23.13
C LYS D 207 17.40 -6.73 23.53
N GLY D 208 16.79 -6.90 24.69
CA GLY D 208 15.62 -6.13 25.05
C GLY D 208 15.88 -4.75 25.63
N ASP D 209 15.42 -3.75 24.89
CA ASP D 209 15.26 -2.40 25.42
C ASP D 209 14.04 -2.32 26.33
N ILE D 210 13.10 -3.23 26.10
CA ILE D 210 11.98 -3.47 26.98
C ILE D 210 11.94 -4.96 27.28
N LEU D 211 11.84 -5.29 28.57
CA LEU D 211 11.89 -6.68 29.02
C LEU D 211 10.69 -6.92 29.91
N VAL D 212 9.82 -7.84 29.51
CA VAL D 212 8.71 -8.27 30.36
C VAL D 212 8.91 -9.74 30.65
N VAL D 213 9.03 -10.07 31.95
CA VAL D 213 9.28 -11.43 32.40
C VAL D 213 8.04 -11.95 33.11
N ALA D 214 7.54 -13.08 32.62
CA ALA D 214 6.31 -13.72 33.08
C ALA D 214 6.49 -15.24 33.12
N THR D 215 7.56 -15.69 33.80
CA THR D 215 7.93 -17.10 33.87
C THR D 215 7.33 -17.84 35.07
N GLY D 216 7.13 -17.16 36.19
CA GLY D 216 6.79 -17.87 37.41
C GLY D 216 7.93 -18.73 37.91
N GLN D 217 9.14 -18.22 37.82
CA GLN D 217 10.34 -18.97 38.18
C GLN D 217 11.22 -17.99 38.94
N PRO D 218 11.40 -18.20 40.24
CA PRO D 218 11.87 -17.12 41.11
C PRO D 218 13.29 -16.68 40.73
N GLU D 219 13.44 -15.36 40.52
CA GLU D 219 14.72 -14.71 40.21
C GLU D 219 15.52 -15.43 39.12
N MET D 220 14.82 -16.09 38.19
CA MET D 220 15.56 -16.87 37.21
C MET D 220 16.30 -15.97 36.23
N VAL D 221 15.71 -14.84 35.85
CA VAL D 221 16.33 -13.97 34.86
C VAL D 221 17.41 -13.17 35.59
N LYS D 222 18.67 -13.54 35.34
CA LYS D 222 19.78 -12.93 36.05
C LYS D 222 20.00 -11.50 35.58
N GLY D 223 20.38 -10.64 36.52
CA GLY D 223 20.58 -9.23 36.20
C GLY D 223 21.59 -9.03 35.08
N GLU D 224 22.70 -9.75 35.13
CA GLU D 224 23.76 -9.58 34.13
C GLU D 224 23.27 -9.87 32.72
N TRP D 225 22.15 -10.61 32.55
CA TRP D 225 21.55 -10.79 31.24
C TRP D 225 20.97 -9.50 30.66
N ILE D 226 20.61 -8.55 31.52
CA ILE D 226 19.78 -7.42 31.10
C ILE D 226 20.63 -6.38 30.38
N LYS D 227 20.19 -6.00 29.18
CA LYS D 227 20.86 -4.97 28.40
C LYS D 227 20.90 -3.66 29.17
N PRO D 228 22.03 -2.96 29.21
CA PRO D 228 22.09 -1.71 29.97
C PRO D 228 21.03 -0.72 29.51
N GLY D 229 20.33 -0.14 30.47
CA GLY D 229 19.29 0.82 30.19
C GLY D 229 17.94 0.24 29.91
N ALA D 230 17.77 -1.07 30.08
CA ALA D 230 16.51 -1.71 29.77
C ALA D 230 15.36 -1.13 30.60
N ILE D 231 14.14 -1.40 30.15
CA ILE D 231 12.93 -1.23 30.94
C ILE D 231 12.50 -2.63 31.36
N VAL D 232 12.46 -2.89 32.67
CA VAL D 232 12.33 -4.26 33.17
C VAL D 232 11.02 -4.39 33.93
N ILE D 233 10.02 -4.98 33.30
CA ILE D 233 8.70 -5.18 33.88
C ILE D 233 8.65 -6.61 34.38
N ASP D 234 8.58 -6.79 35.71
CA ASP D 234 8.52 -8.10 36.33
C ASP D 234 7.09 -8.42 36.76
N CYS D 235 6.50 -9.42 36.12
CA CYS D 235 5.20 -9.94 36.49
C CYS D 235 5.28 -10.96 37.61
N GLY D 236 6.49 -11.28 38.07
CA GLY D 236 6.68 -12.41 38.97
C GLY D 236 6.15 -12.16 40.38
N ILE D 237 5.43 -13.16 40.91
CA ILE D 237 5.05 -13.26 42.32
C ILE D 237 5.33 -14.70 42.71
N ASN D 238 6.41 -14.94 43.46
CA ASN D 238 6.81 -16.27 43.84
C ASN D 238 7.15 -16.29 45.32
N TYR D 239 6.48 -17.16 46.06
CA TYR D 239 6.76 -17.32 47.48
C TYR D 239 7.87 -18.35 47.66
N VAL D 240 8.83 -18.02 48.52
CA VAL D 240 10.06 -18.78 48.69
C VAL D 240 10.43 -18.65 50.16
N PRO D 241 11.52 -19.29 50.66
CA PRO D 241 11.92 -19.05 52.06
C PRO D 241 12.23 -17.59 52.41
N LYS D 250 8.66 -15.35 52.05
CA LYS D 250 8.92 -14.09 51.35
C LYS D 250 8.52 -14.13 49.86
N VAL D 251 8.29 -12.95 49.29
CA VAL D 251 7.78 -12.79 47.92
C VAL D 251 8.90 -12.26 47.04
N VAL D 252 9.20 -12.99 45.96
CA VAL D 252 10.13 -12.52 44.95
C VAL D 252 9.51 -12.69 43.57
N GLY D 253 10.07 -11.97 42.61
CA GLY D 253 9.64 -12.08 41.23
C GLY D 253 10.51 -13.02 40.42
N ASP D 254 10.33 -12.93 39.10
CA ASP D 254 11.06 -13.75 38.14
C ASP D 254 12.41 -13.13 37.74
N VAL D 255 12.74 -11.95 38.27
CA VAL D 255 13.97 -11.23 37.94
C VAL D 255 14.81 -11.06 39.21
N ALA D 256 16.12 -11.28 39.06
CA ALA D 256 17.09 -11.10 40.15
C ALA D 256 17.23 -9.60 40.40
N TYR D 257 16.50 -9.11 41.40
CA TYR D 257 16.18 -7.68 41.47
C TYR D 257 17.42 -6.82 41.74
N ASP D 258 18.16 -7.13 42.79
CA ASP D 258 19.30 -6.26 43.15
C ASP D 258 20.24 -6.07 41.94
N GLU D 259 20.48 -7.13 41.18
CA GLU D 259 21.46 -7.02 40.08
C GLU D 259 20.83 -6.25 38.93
N ALA D 260 19.60 -6.60 38.57
CA ALA D 260 18.89 -5.91 37.50
C ALA D 260 18.79 -4.42 37.75
N LYS D 261 18.70 -4.02 39.02
CA LYS D 261 18.60 -2.61 39.36
C LYS D 261 19.88 -1.83 39.03
N GLU D 262 21.02 -2.52 38.94
CA GLU D 262 22.24 -1.83 38.53
C GLU D 262 22.25 -1.52 37.04
N ARG D 263 21.59 -2.34 36.22
CA ARG D 263 21.67 -2.18 34.77
C ARG D 263 20.52 -1.32 34.24
N ALA D 264 19.28 -1.76 34.47
CA ALA D 264 18.11 -1.13 33.89
C ALA D 264 18.05 0.36 34.22
N SER D 265 17.30 1.09 33.40
CA SER D 265 17.00 2.49 33.66
C SER D 265 15.72 2.65 34.45
N PHE D 266 14.79 1.71 34.29
CA PHE D 266 13.56 1.63 35.05
C PHE D 266 13.32 0.17 35.41
N ILE D 267 12.87 -0.07 36.64
CA ILE D 267 12.59 -1.42 37.11
C ILE D 267 11.34 -1.39 37.99
N THR D 268 10.57 -2.49 37.93
CA THR D 268 9.42 -2.70 38.81
C THR D 268 9.84 -3.48 40.05
N PRO D 269 9.43 -3.03 41.25
CA PRO D 269 9.67 -3.83 42.46
C PRO D 269 8.79 -5.06 42.48
N VAL D 270 9.15 -5.99 43.36
CA VAL D 270 8.33 -7.15 43.65
C VAL D 270 8.27 -7.35 45.17
N PRO D 271 7.11 -7.12 45.80
CA PRO D 271 5.84 -6.68 45.23
C PRO D 271 5.78 -5.16 45.06
N GLY D 272 4.58 -4.65 44.79
CA GLY D 272 4.35 -3.23 44.65
C GLY D 272 4.37 -2.71 43.24
N GLY D 273 4.45 -3.59 42.23
CA GLY D 273 4.63 -3.20 40.84
C GLY D 273 3.50 -3.61 39.91
N VAL D 274 3.72 -4.69 39.17
CA VAL D 274 2.74 -5.12 38.18
C VAL D 274 1.40 -5.43 38.86
N GLY D 275 1.43 -6.16 39.98
CA GLY D 275 0.23 -6.61 40.67
C GLY D 275 -0.86 -5.56 40.86
N PRO D 276 -0.55 -4.48 41.56
CA PRO D 276 -1.55 -3.40 41.72
C PRO D 276 -2.00 -2.80 40.39
N MET D 277 -1.11 -2.71 39.41
CA MET D 277 -1.53 -2.27 38.08
C MET D 277 -2.56 -3.20 37.49
N THR D 278 -2.35 -4.52 37.64
CA THR D 278 -3.28 -5.51 37.10
C THR D 278 -4.69 -5.33 37.65
N VAL D 279 -4.82 -5.03 38.94
CA VAL D 279 -6.16 -4.85 39.49
C VAL D 279 -6.75 -3.52 39.06
N ALA D 280 -5.94 -2.46 39.08
CA ALA D 280 -6.42 -1.16 38.64
C ALA D 280 -6.91 -1.22 37.19
N MET D 281 -6.24 -2.00 36.35
CA MET D 281 -6.67 -2.14 34.97
C MET D 281 -7.97 -2.93 34.85
N LEU D 282 -8.21 -3.90 35.75
CA LEU D 282 -9.48 -4.62 35.71
C LEU D 282 -10.65 -3.68 35.99
N MET D 283 -10.49 -2.78 36.95
CA MET D 283 -11.53 -1.80 37.21
C MET D 283 -11.73 -0.88 36.02
N GLN D 284 -10.64 -0.47 35.36
CA GLN D 284 -10.79 0.40 34.20
C GLN D 284 -11.64 -0.26 33.13
N SER D 285 -11.37 -1.52 32.83
CA SER D 285 -12.19 -2.20 31.84
C SER D 285 -13.61 -2.40 32.34
N THR D 286 -13.79 -2.49 33.66
CA THR D 286 -15.13 -2.57 34.24
C THR D 286 -15.88 -1.27 34.04
N VAL D 287 -15.24 -0.14 34.34
CA VAL D 287 -15.89 1.13 34.12
C VAL D 287 -16.21 1.31 32.65
N GLU D 288 -15.29 0.88 31.78
CA GLU D 288 -15.51 1.00 30.34
C GLU D 288 -16.75 0.22 29.91
N SER D 289 -16.84 -1.06 30.31
CA SER D 289 -18.02 -1.84 29.97
C SER D 289 -19.29 -1.15 30.44
N ALA D 290 -19.21 -0.46 31.58
CA ALA D 290 -20.36 0.25 32.12
C ALA D 290 -20.72 1.47 31.26
N LYS D 291 -19.72 2.16 30.72
CA LYS D 291 -20.03 3.24 29.78
C LYS D 291 -20.58 2.69 28.46
N ARG D 292 -19.98 1.62 27.94
CA ARG D 292 -20.51 1.02 26.70
C ARG D 292 -21.93 0.52 26.89
N PHE D 293 -22.28 0.10 28.10
CA PHE D 293 -23.65 -0.29 28.37
C PHE D 293 -24.59 0.93 28.33
N LEU D 294 -24.20 2.01 29.00
CA LEU D 294 -25.08 3.16 29.21
C LEU D 294 -25.45 3.90 27.92
N GLU D 295 -24.75 3.62 26.83
CA GLU D 295 -25.02 4.28 25.56
C GLU D 295 -25.37 3.28 24.45
#